data_8Y9Q
#
_entry.id   8Y9Q
#
_cell.length_a   179.709
_cell.length_b   179.709
_cell.length_c   89.033
_cell.angle_alpha   90.00
_cell.angle_beta   90.00
_cell.angle_gamma   90.00
#
_symmetry.space_group_name_H-M   'P 41 21 2'
#
loop_
_entity.id
_entity.type
_entity.pdbx_description
1 polymer b-glucosidase
2 non-polymer GLYCEROL
3 water water
#
_entity_poly.entity_id   1
_entity_poly.type   'polypeptide(L)'
_entity_poly.pdbx_seq_one_letter_code
;MFPQDFLFGVAMSGFQFEMGKENSKDENTDWYIWTHDLQNQANGVVSRDLVEEGADYWNSYARVHELCSRIGMNVIRIGI
EWSRIFPNPTHGIKDPSQIADMKVVEHYKQIIEDAKSRGLKVIVNLNHFTLPLWLHDPIRVSRFNDFSRSGWLDDRSVHE
FTKFATFCAKSFDDVDAFTTMNEPNVVAKLGYFGRLSGFPPSLLNIDLYEKALDNQILAHNKAYETMKQFTNKPVGIIYA
TSWCEGDDARNDAMELENWYFLDRVIDRIDFLGVNYYTRAIVKRTPSVLSSSSGRIKINWSFVPGFGGSCQRNSKSLDGR
PSTDNGWEIYPEGLGYVLRSCRDRYKKPLYVTENGVADDRDIYRPYSLLAHLKIVEDCLKENMDLRGYMHWSIIDNFEWP
MGYSMRFGLVRVDFKQKLFTPRPSYYLFGQIINSRTTEPFLNLLKAWE
;
_entity_poly.pdbx_strand_id   A,B
#
# COMPACT_ATOMS: atom_id res chain seq x y z
N MET A 1 13.11 -41.93 10.83
CA MET A 1 13.15 -41.23 12.12
C MET A 1 14.14 -40.06 12.07
N PHE A 2 13.75 -38.91 12.63
CA PHE A 2 14.66 -37.77 12.75
C PHE A 2 15.84 -38.21 13.62
N PRO A 3 17.08 -37.90 13.23
CA PRO A 3 18.22 -38.21 14.10
C PRO A 3 17.99 -37.64 15.49
N GLN A 4 18.46 -38.33 16.53
CA GLN A 4 18.22 -37.76 17.86
C GLN A 4 19.06 -36.53 18.14
N ASP A 5 20.10 -36.26 17.34
CA ASP A 5 20.80 -34.99 17.43
C ASP A 5 20.01 -33.84 16.82
N PHE A 6 18.92 -34.13 16.10
CA PHE A 6 18.19 -33.09 15.38
C PHE A 6 17.58 -32.10 16.38
N LEU A 7 17.61 -30.81 16.02
CA LEU A 7 17.13 -29.75 16.90
C LEU A 7 15.70 -29.41 16.52
N PHE A 8 14.78 -29.52 17.48
CA PHE A 8 13.41 -29.03 17.32
C PHE A 8 13.23 -27.84 18.24
N GLY A 9 12.76 -26.72 17.70
CA GLY A 9 12.53 -25.58 18.57
C GLY A 9 11.76 -24.43 17.98
N VAL A 10 12.04 -23.22 18.47
CA VAL A 10 11.34 -22.01 18.03
C VAL A 10 12.35 -20.89 17.86
N ALA A 11 11.87 -19.81 17.22
CA ALA A 11 12.64 -18.62 16.92
C ALA A 11 11.90 -17.40 17.45
N MET A 12 12.68 -16.41 17.90
CA MET A 12 12.18 -15.17 18.47
C MET A 12 13.11 -14.04 18.07
N SER A 13 12.62 -12.81 18.18
CA SER A 13 13.43 -11.61 18.04
C SER A 13 13.30 -10.80 19.34
N GLY A 14 14.16 -9.78 19.47
CA GLY A 14 14.05 -8.90 20.62
C GLY A 14 12.86 -7.95 20.53
N PHE A 15 12.78 -7.18 19.46
CA PHE A 15 11.78 -6.13 19.36
C PHE A 15 10.35 -6.68 19.44
N GLN A 16 10.12 -7.86 18.86
CA GLN A 16 8.72 -8.29 18.76
C GLN A 16 8.20 -8.94 20.02
N PHE A 17 9.07 -9.21 21.00
CA PHE A 17 8.75 -10.08 22.13
C PHE A 17 9.02 -9.43 23.48
N GLU A 18 10.07 -8.57 23.58
CA GLU A 18 10.64 -8.26 24.91
C GLU A 18 9.75 -7.34 25.72
N MET A 19 9.13 -6.37 25.08
CA MET A 19 8.59 -5.21 25.74
C MET A 19 7.20 -5.58 26.28
N GLY A 20 6.69 -4.78 27.20
CA GLY A 20 5.40 -5.11 27.79
C GLY A 20 5.23 -4.62 29.21
N LYS A 21 6.34 -4.51 29.94
CA LYS A 21 6.34 -3.77 31.20
C LYS A 21 7.33 -2.63 31.15
N GLU A 22 7.09 -1.64 32.01
CA GLU A 22 7.80 -0.37 31.92
C GLU A 22 9.31 -0.54 32.09
N ASN A 23 9.75 -1.50 32.92
CA ASN A 23 11.19 -1.67 33.15
C ASN A 23 11.94 -2.14 31.91
N SER A 24 11.28 -2.61 30.86
CA SER A 24 11.97 -3.04 29.65
C SER A 24 11.82 -2.08 28.48
N LYS A 25 11.10 -0.97 28.65
CA LYS A 25 10.81 -0.10 27.52
C LYS A 25 12.10 0.34 26.83
N ASP A 26 12.17 0.14 25.52
CA ASP A 26 13.33 0.52 24.71
C ASP A 26 12.81 1.46 23.62
N GLU A 27 12.92 2.76 23.84
CA GLU A 27 12.51 3.73 22.83
C GLU A 27 13.60 4.00 21.80
N ASN A 28 14.73 3.30 21.88
CA ASN A 28 15.96 3.69 21.19
C ASN A 28 16.17 2.93 19.88
N THR A 29 15.11 2.61 19.11
CA THR A 29 15.29 1.98 17.80
C THR A 29 14.58 2.75 16.71
N ASP A 30 15.04 2.51 15.47
CA ASP A 30 14.30 3.00 14.31
C ASP A 30 12.86 2.50 14.32
N TRP A 31 12.64 1.22 14.65
CA TRP A 31 11.30 0.65 14.58
C TRP A 31 10.37 1.24 15.64
N TYR A 32 10.91 1.57 16.83
CA TYR A 32 10.07 2.18 17.86
C TYR A 32 9.51 3.52 17.38
N ILE A 33 10.37 4.40 16.88
CA ILE A 33 9.88 5.69 16.42
C ILE A 33 9.05 5.55 15.14
N TRP A 34 9.38 4.56 14.29
CA TRP A 34 8.60 4.31 13.07
C TRP A 34 7.15 3.94 13.40
N THR A 35 6.94 3.07 14.38
CA THR A 35 5.58 2.64 14.73
C THR A 35 4.82 3.63 15.62
N HIS A 36 5.51 4.57 16.27
CA HIS A 36 4.82 5.57 17.07
C HIS A 36 4.49 6.82 16.26
N ASP A 37 4.88 6.87 14.98
CA ASP A 37 4.68 8.06 14.17
C ASP A 37 3.21 8.17 13.77
N LEU A 38 2.55 9.26 14.17
CA LEU A 38 1.12 9.40 13.95
C LEU A 38 0.77 9.54 12.47
N GLN A 39 1.65 10.15 11.67
CA GLN A 39 1.36 10.27 10.26
C GLN A 39 1.40 8.92 9.57
N ASN A 40 2.40 8.08 9.91
CA ASN A 40 2.41 6.70 9.43
C ASN A 40 1.12 5.98 9.81
N GLN A 41 0.67 6.15 11.05
CA GLN A 41 -0.55 5.47 11.50
C GLN A 41 -1.77 5.95 10.73
N ALA A 42 -1.88 7.26 10.51
CA ALA A 42 -3.03 7.80 9.80
C ALA A 42 -3.07 7.33 8.35
N ASN A 43 -1.91 7.01 7.78
CA ASN A 43 -1.86 6.51 6.41
C ASN A 43 -1.96 5.00 6.33
N GLY A 44 -2.14 4.32 7.46
CA GLY A 44 -2.18 2.87 7.45
C GLY A 44 -0.86 2.22 7.15
N VAL A 45 0.24 2.97 7.25
CA VAL A 45 1.56 2.41 6.99
C VAL A 45 1.97 1.45 8.11
N VAL A 46 1.69 1.81 9.36
CA VAL A 46 1.87 0.94 10.51
C VAL A 46 0.55 0.92 11.27
N SER A 47 0.39 -0.10 12.12
CA SER A 47 -0.80 -0.19 12.95
C SER A 47 -0.68 0.77 14.14
N ARG A 48 -1.77 0.87 14.90
CA ARG A 48 -1.78 1.69 16.10
C ARG A 48 -1.40 0.90 17.35
N ASP A 49 -1.07 -0.39 17.21
CA ASP A 49 -0.68 -1.19 18.37
C ASP A 49 0.66 -0.70 18.94
N LEU A 50 0.81 -0.88 20.25
CA LEU A 50 2.01 -0.44 20.97
C LEU A 50 2.90 -1.64 21.26
N VAL A 51 4.13 -1.60 20.75
CA VAL A 51 5.08 -2.67 21.05
C VAL A 51 5.35 -2.75 22.56
N GLU A 52 5.27 -1.62 23.26
CA GLU A 52 5.50 -1.61 24.69
C GLU A 52 4.33 -2.17 25.49
N GLU A 53 3.25 -2.63 24.85
CA GLU A 53 2.20 -3.37 25.55
C GLU A 53 2.21 -4.85 25.18
N GLY A 54 3.37 -5.39 24.81
CA GLY A 54 3.47 -6.73 24.27
C GLY A 54 3.69 -7.82 25.31
N ALA A 55 4.34 -8.89 24.86
CA ALA A 55 4.35 -10.18 25.54
C ALA A 55 5.25 -10.24 26.79
N ASP A 56 6.13 -9.24 27.01
CA ASP A 56 6.96 -9.17 28.22
C ASP A 56 7.93 -10.35 28.34
N TYR A 57 8.54 -10.75 27.22
CA TYR A 57 9.60 -11.76 27.30
C TYR A 57 10.77 -11.27 28.16
N TRP A 58 10.99 -9.95 28.23
CA TRP A 58 12.09 -9.44 29.04
C TRP A 58 12.02 -9.94 30.48
N ASN A 59 10.81 -9.98 31.06
CA ASN A 59 10.66 -10.47 32.43
C ASN A 59 10.07 -11.88 32.50
N SER A 60 9.35 -12.33 31.48
CA SER A 60 8.65 -13.61 31.53
C SER A 60 9.38 -14.71 30.77
N TYR A 61 10.69 -14.54 30.53
CA TYR A 61 11.41 -15.51 29.71
C TYR A 61 11.33 -16.92 30.28
N ALA A 62 11.33 -17.05 31.61
CA ALA A 62 11.29 -18.39 32.21
C ALA A 62 10.00 -19.12 31.86
N ARG A 63 8.87 -18.41 31.85
CA ARG A 63 7.61 -19.02 31.41
C ARG A 63 7.68 -19.44 29.95
N VAL A 64 8.28 -18.60 29.09
CA VAL A 64 8.37 -18.92 27.67
C VAL A 64 9.27 -20.13 27.46
N HIS A 65 10.44 -20.15 28.12
CA HIS A 65 11.34 -21.28 27.98
C HIS A 65 10.72 -22.57 28.51
N GLU A 66 9.90 -22.47 29.56
CA GLU A 66 9.26 -23.68 30.10
C GLU A 66 8.21 -24.22 29.12
N LEU A 67 7.51 -23.33 28.41
CA LEU A 67 6.61 -23.81 27.37
C LEU A 67 7.36 -24.66 26.34
N CYS A 68 8.60 -24.26 26.02
CA CYS A 68 9.38 -24.99 25.03
C CYS A 68 9.85 -26.33 25.56
N SER A 69 10.44 -26.33 26.77
CA SER A 69 10.99 -27.56 27.29
C SER A 69 9.89 -28.56 27.64
N ARG A 70 8.69 -28.09 28.00
CA ARG A 70 7.63 -29.01 28.42
C ARG A 70 7.21 -29.95 27.28
N ILE A 71 7.31 -29.52 26.02
CA ILE A 71 7.01 -30.43 24.91
C ILE A 71 8.30 -30.97 24.28
N GLY A 72 9.41 -30.89 25.01
CA GLY A 72 10.63 -31.54 24.56
C GLY A 72 11.42 -30.83 23.50
N MET A 73 11.23 -29.52 23.30
CA MET A 73 12.13 -28.97 22.31
C MET A 73 13.51 -28.78 22.95
N ASN A 74 14.54 -28.70 22.09
CA ASN A 74 15.91 -28.69 22.57
C ASN A 74 16.73 -27.56 21.95
N VAL A 75 16.06 -26.56 21.35
CA VAL A 75 16.77 -25.39 20.85
C VAL A 75 15.82 -24.19 20.87
N ILE A 76 16.40 -23.00 21.09
CA ILE A 76 15.69 -21.76 20.90
C ILE A 76 16.66 -20.73 20.32
N ARG A 77 16.15 -19.92 19.38
CA ARG A 77 16.92 -18.82 18.81
C ARG A 77 16.30 -17.52 19.28
N ILE A 78 17.12 -16.66 19.90
CA ILE A 78 16.65 -15.39 20.42
C ILE A 78 17.47 -14.28 19.78
N GLY A 79 16.89 -13.09 19.75
CA GLY A 79 17.59 -11.91 19.28
C GLY A 79 18.03 -11.04 20.45
N ILE A 80 19.20 -10.44 20.32
CA ILE A 80 19.62 -9.42 21.26
C ILE A 80 19.61 -8.08 20.52
N GLU A 81 19.29 -7.03 21.25
CA GLU A 81 18.97 -5.72 20.69
C GLU A 81 20.23 -4.87 20.83
N TRP A 82 20.91 -4.61 19.71
CA TRP A 82 22.01 -3.64 19.62
C TRP A 82 21.64 -2.33 20.34
N SER A 83 20.40 -1.88 20.19
CA SER A 83 19.94 -0.62 20.78
C SER A 83 19.93 -0.65 22.31
N ARG A 84 19.81 -1.84 22.93
CA ARG A 84 19.91 -1.94 24.38
C ARG A 84 21.35 -2.11 24.86
N ILE A 85 22.15 -2.92 24.15
CA ILE A 85 23.55 -3.17 24.54
C ILE A 85 24.37 -1.89 24.43
N PHE A 86 24.20 -1.14 23.34
CA PHE A 86 24.94 0.11 23.11
C PHE A 86 23.93 1.23 22.91
N PRO A 87 23.38 1.77 24.01
CA PRO A 87 22.35 2.81 23.87
C PRO A 87 22.87 4.11 23.27
N ASN A 88 24.18 4.32 23.28
CA ASN A 88 24.82 5.54 22.80
C ASN A 88 25.82 5.23 21.68
N PRO A 89 26.01 6.16 20.75
CA PRO A 89 26.83 5.86 19.57
C PRO A 89 28.26 5.46 19.97
N THR A 90 28.81 4.53 19.20
CA THR A 90 30.16 4.02 19.43
C THR A 90 31.19 4.58 18.45
N HIS A 91 30.78 5.43 17.52
CA HIS A 91 31.72 5.95 16.54
C HIS A 91 32.86 6.69 17.24
N GLY A 92 34.08 6.46 16.77
CA GLY A 92 35.26 7.07 17.34
C GLY A 92 35.75 6.44 18.63
N ILE A 93 35.08 5.40 19.13
CA ILE A 93 35.51 4.69 20.34
C ILE A 93 36.00 3.32 19.91
N LYS A 94 37.32 3.12 19.97
CA LYS A 94 37.91 1.90 19.44
C LYS A 94 37.42 0.67 20.20
N ASP A 95 37.52 0.71 21.53
CA ASP A 95 36.98 -0.33 22.41
C ASP A 95 35.77 0.22 23.16
N PRO A 96 34.55 -0.13 22.76
CA PRO A 96 33.35 0.45 23.37
C PRO A 96 32.84 -0.29 24.61
N SER A 97 33.62 -1.24 25.14
CA SER A 97 33.12 -2.06 26.23
C SER A 97 32.76 -1.23 27.47
N GLN A 98 33.42 -0.08 27.66
CA GLN A 98 33.11 0.77 28.81
C GLN A 98 31.84 1.59 28.63
N ILE A 99 31.26 1.62 27.43
CA ILE A 99 29.98 2.32 27.27
C ILE A 99 28.85 1.35 26.91
N ALA A 100 29.10 0.04 26.95
CA ALA A 100 28.03 -0.94 26.87
C ALA A 100 27.19 -0.87 28.14
N ASP A 101 25.89 -1.13 28.01
CA ASP A 101 25.02 -1.22 29.19
C ASP A 101 25.16 -2.63 29.77
N MET A 102 26.03 -2.78 30.78
CA MET A 102 26.25 -4.09 31.40
C MET A 102 25.05 -4.65 32.16
N LYS A 103 24.15 -3.79 32.68
CA LYS A 103 22.90 -4.33 33.22
C LYS A 103 22.13 -5.08 32.13
N VAL A 104 22.13 -4.55 30.91
CA VAL A 104 21.47 -5.24 29.79
C VAL A 104 22.21 -6.52 29.43
N VAL A 105 23.54 -6.48 29.37
CA VAL A 105 24.30 -7.69 29.03
C VAL A 105 24.10 -8.77 30.08
N GLU A 106 24.16 -8.40 31.36
CA GLU A 106 23.86 -9.35 32.43
C GLU A 106 22.46 -9.94 32.28
N HIS A 107 21.48 -9.12 31.92
CA HIS A 107 20.13 -9.65 31.78
C HIS A 107 20.05 -10.68 30.67
N TYR A 108 20.66 -10.40 29.51
CA TYR A 108 20.67 -11.37 28.42
C TYR A 108 21.39 -12.65 28.82
N LYS A 109 22.49 -12.54 29.57
CA LYS A 109 23.17 -13.74 30.04
C LYS A 109 22.27 -14.55 30.99
N GLN A 110 21.43 -13.87 31.77
CA GLN A 110 20.48 -14.58 32.62
C GLN A 110 19.41 -15.29 31.80
N ILE A 111 18.94 -14.66 30.71
CA ILE A 111 17.99 -15.30 29.81
C ILE A 111 18.62 -16.54 29.17
N ILE A 112 19.86 -16.39 28.66
CA ILE A 112 20.56 -17.51 28.03
C ILE A 112 20.72 -18.68 29.00
N GLU A 113 21.21 -18.41 30.22
CA GLU A 113 21.42 -19.50 31.18
C GLU A 113 20.11 -20.17 31.58
N ASP A 114 19.04 -19.38 31.69
CA ASP A 114 17.76 -19.99 32.02
C ASP A 114 17.34 -20.99 30.95
N ALA A 115 17.40 -20.58 29.67
CA ALA A 115 17.05 -21.49 28.59
C ALA A 115 17.93 -22.74 28.62
N LYS A 116 19.25 -22.57 28.77
CA LYS A 116 20.16 -23.71 28.82
C LYS A 116 19.84 -24.65 29.99
N SER A 117 19.40 -24.11 31.12
CA SER A 117 19.10 -24.95 32.27
C SER A 117 17.87 -25.83 32.03
N ARG A 118 17.06 -25.50 31.03
CA ARG A 118 15.89 -26.29 30.68
C ARG A 118 16.16 -27.22 29.49
N GLY A 119 17.42 -27.41 29.12
CA GLY A 119 17.76 -28.31 28.04
C GLY A 119 17.64 -27.72 26.64
N LEU A 120 17.55 -26.40 26.51
CA LEU A 120 17.51 -25.75 25.21
C LEU A 120 18.92 -25.28 24.85
N LYS A 121 19.44 -25.72 23.71
CA LYS A 121 20.58 -25.04 23.11
C LYS A 121 20.16 -23.64 22.70
N VAL A 122 21.07 -22.66 22.77
CA VAL A 122 20.68 -21.27 22.55
C VAL A 122 21.48 -20.72 21.38
N ILE A 123 20.77 -20.30 20.35
CA ILE A 123 21.34 -19.56 19.23
C ILE A 123 21.02 -18.09 19.46
N VAL A 124 22.04 -17.24 19.51
CA VAL A 124 21.86 -15.82 19.72
C VAL A 124 22.11 -15.10 18.40
N ASN A 125 21.09 -14.38 17.94
CA ASN A 125 21.14 -13.63 16.69
C ASN A 125 21.39 -12.16 17.01
N LEU A 126 22.43 -11.60 16.39
CA LEU A 126 22.89 -10.27 16.79
C LEU A 126 22.00 -9.15 16.27
N ASN A 127 21.33 -9.34 15.14
CA ASN A 127 20.54 -8.26 14.58
C ASN A 127 19.29 -8.82 13.90
N HIS A 128 18.15 -8.22 14.23
CA HIS A 128 16.85 -8.69 13.70
C HIS A 128 16.05 -7.43 13.37
N PHE A 129 16.36 -6.85 12.20
CA PHE A 129 15.71 -5.66 11.64
C PHE A 129 16.07 -4.38 12.39
N THR A 130 15.77 -4.30 13.69
CA THR A 130 15.87 -3.00 14.34
C THR A 130 17.32 -2.55 14.48
N LEU A 131 17.51 -1.23 14.42
CA LEU A 131 18.79 -0.56 14.56
C LEU A 131 18.71 0.49 15.66
N PRO A 132 19.81 0.74 16.37
CA PRO A 132 19.84 1.86 17.31
C PRO A 132 19.40 3.16 16.65
N LEU A 133 18.62 3.95 17.38
CA LEU A 133 18.16 5.23 16.86
C LEU A 133 19.33 6.17 16.55
N TRP A 134 20.46 6.04 17.26
CA TRP A 134 21.61 6.88 16.91
C TRP A 134 22.21 6.48 15.57
N LEU A 135 21.87 5.31 15.04
CA LEU A 135 22.35 4.89 13.73
C LEU A 135 21.32 5.08 12.63
N HIS A 136 20.03 5.01 12.96
CA HIS A 136 18.97 5.12 11.96
C HIS A 136 17.78 5.85 12.57
N ASP A 137 17.49 7.04 12.07
CA ASP A 137 16.20 7.69 12.33
C ASP A 137 15.40 7.68 11.04
N PRO A 138 14.45 6.76 10.88
CA PRO A 138 13.79 6.61 9.58
C PRO A 138 12.77 7.70 9.29
N ILE A 139 12.32 8.45 10.29
CA ILE A 139 11.43 9.57 10.01
C ILE A 139 12.22 10.76 9.46
N ARG A 140 13.42 11.02 10.00
CA ARG A 140 14.28 12.04 9.41
C ARG A 140 14.64 11.68 7.97
N VAL A 141 14.92 10.40 7.71
CA VAL A 141 15.21 9.95 6.35
C VAL A 141 13.98 10.12 5.47
N SER A 142 12.85 9.58 5.93
CA SER A 142 11.64 9.47 5.11
C SER A 142 11.01 10.83 4.83
N ARG A 143 10.86 11.65 5.87
CA ARG A 143 10.03 12.85 5.75
C ARG A 143 10.83 14.14 5.59
N PHE A 144 12.12 14.15 5.95
CA PHE A 144 12.89 15.38 5.92
C PHE A 144 14.15 15.26 5.07
N ASN A 145 14.30 14.17 4.33
CA ASN A 145 15.44 13.95 3.43
C ASN A 145 16.75 14.16 4.18
N ASP A 146 16.78 13.70 5.43
CA ASP A 146 17.90 13.86 6.35
C ASP A 146 18.56 12.50 6.53
N PHE A 147 19.74 12.31 5.93
CA PHE A 147 20.45 11.03 5.95
C PHE A 147 21.60 11.02 6.95
N SER A 148 21.60 11.94 7.91
CA SER A 148 22.66 11.96 8.91
C SER A 148 22.68 10.69 9.77
N ARG A 149 21.54 10.03 9.95
CA ARG A 149 21.43 8.73 10.62
C ARG A 149 20.60 7.81 9.72
N SER A 150 21.27 7.15 8.77
CA SER A 150 20.58 6.53 7.64
C SER A 150 20.68 5.01 7.66
N GLY A 151 21.05 4.41 8.80
CA GLY A 151 20.96 2.96 8.91
C GLY A 151 21.96 2.23 8.04
N TRP A 152 21.51 1.20 7.32
CA TRP A 152 22.42 0.46 6.46
C TRP A 152 22.88 1.26 5.25
N LEU A 153 22.30 2.43 5.00
CA LEU A 153 22.88 3.35 4.01
C LEU A 153 24.08 4.10 4.57
N ASP A 154 24.24 4.11 5.91
CA ASP A 154 25.16 5.01 6.59
C ASP A 154 26.57 4.50 6.49
N ASP A 155 27.52 5.42 6.25
CA ASP A 155 28.90 4.98 6.08
C ASP A 155 29.54 4.53 7.39
N ARG A 156 28.88 4.72 8.53
CA ARG A 156 29.39 4.18 9.78
C ARG A 156 28.83 2.80 10.10
N SER A 157 27.80 2.32 9.39
CA SER A 157 27.05 1.17 9.87
C SER A 157 27.91 -0.09 9.86
N VAL A 158 28.67 -0.33 8.80
CA VAL A 158 29.47 -1.55 8.71
C VAL A 158 30.47 -1.60 9.86
N HIS A 159 31.19 -0.49 10.08
CA HIS A 159 32.22 -0.45 11.13
C HIS A 159 31.59 -0.61 12.51
N GLU A 160 30.50 0.13 12.76
CA GLU A 160 29.89 0.05 14.08
C GLU A 160 29.25 -1.31 14.34
N PHE A 161 28.74 -1.99 13.30
CA PHE A 161 28.22 -3.35 13.51
C PHE A 161 29.34 -4.33 13.83
N THR A 162 30.50 -4.18 13.16
CA THR A 162 31.65 -5.04 13.43
C THR A 162 32.09 -4.93 14.88
N LYS A 163 32.11 -3.69 15.39
CA LYS A 163 32.47 -3.44 16.79
C LYS A 163 31.47 -4.11 17.73
N PHE A 164 30.18 -3.99 17.41
CA PHE A 164 29.13 -4.65 18.19
C PHE A 164 29.31 -6.16 18.18
N ALA A 165 29.59 -6.73 17.01
CA ALA A 165 29.79 -8.17 16.88
C ALA A 165 31.00 -8.65 17.68
N THR A 166 32.10 -7.90 17.62
CA THR A 166 33.28 -8.24 18.41
C THR A 166 32.94 -8.32 19.89
N PHE A 167 32.23 -7.31 20.40
CA PHE A 167 31.83 -7.27 21.80
C PHE A 167 30.99 -8.49 22.16
N CYS A 168 30.03 -8.86 21.30
CA CYS A 168 29.15 -9.98 21.61
C CYS A 168 29.89 -11.30 21.62
N ALA A 169 30.82 -11.50 20.67
CA ALA A 169 31.57 -12.76 20.66
C ALA A 169 32.41 -12.89 21.91
N LYS A 170 32.97 -11.79 22.40
CA LYS A 170 33.75 -11.82 23.64
C LYS A 170 32.86 -12.06 24.86
N SER A 171 31.76 -11.31 24.97
CA SER A 171 31.02 -11.26 26.23
C SER A 171 30.06 -12.43 26.38
N PHE A 172 29.42 -12.87 25.30
CA PHE A 172 28.40 -13.93 25.38
C PHE A 172 29.07 -15.28 25.17
N ASP A 173 29.85 -15.67 26.17
CA ASP A 173 30.72 -16.83 26.08
C ASP A 173 29.97 -18.15 26.16
N ASP A 174 28.71 -18.16 26.60
CA ASP A 174 28.04 -19.42 26.91
C ASP A 174 26.86 -19.74 25.99
N VAL A 175 26.75 -19.07 24.85
CA VAL A 175 25.73 -19.44 23.87
C VAL A 175 26.16 -20.73 23.19
N ASP A 176 25.25 -21.36 22.45
CA ASP A 176 25.64 -22.52 21.68
C ASP A 176 26.03 -22.18 20.26
N ALA A 177 25.54 -21.05 19.74
CA ALA A 177 25.85 -20.60 18.39
C ALA A 177 25.41 -19.16 18.26
N PHE A 178 26.00 -18.46 17.28
CA PHE A 178 25.59 -17.12 16.90
C PHE A 178 25.09 -17.10 15.46
N THR A 179 24.23 -16.13 15.15
CA THR A 179 24.03 -15.67 13.78
C THR A 179 24.20 -14.15 13.78
N THR A 180 24.78 -13.62 12.70
CA THR A 180 25.02 -12.18 12.64
C THR A 180 23.73 -11.40 12.45
N MET A 181 22.85 -11.86 11.56
CA MET A 181 21.68 -11.08 11.19
C MET A 181 20.59 -11.99 10.67
N ASN A 182 19.37 -11.44 10.66
CA ASN A 182 18.15 -12.15 10.33
C ASN A 182 17.51 -11.47 9.12
N GLU A 183 17.41 -12.20 8.02
CA GLU A 183 16.79 -11.76 6.76
C GLU A 183 17.28 -10.36 6.35
N PRO A 184 18.60 -10.17 6.20
CA PRO A 184 19.09 -8.86 5.74
C PRO A 184 18.51 -8.46 4.39
N ASN A 185 18.16 -9.43 3.53
CA ASN A 185 17.57 -9.11 2.24
C ASN A 185 16.19 -8.47 2.39
N VAL A 186 15.45 -8.84 3.44
CA VAL A 186 14.14 -8.23 3.70
C VAL A 186 14.30 -6.80 4.20
N VAL A 187 15.25 -6.58 5.11
CA VAL A 187 15.56 -5.22 5.56
C VAL A 187 15.81 -4.32 4.37
N ALA A 188 16.64 -4.79 3.44
CA ALA A 188 17.03 -3.96 2.31
C ALA A 188 15.89 -3.80 1.32
N LYS A 189 15.25 -4.91 0.93
CA LYS A 189 14.22 -4.83 -0.10
C LYS A 189 12.98 -4.09 0.40
N LEU A 190 12.52 -4.41 1.61
CA LEU A 190 11.30 -3.76 2.10
C LEU A 190 11.56 -2.32 2.53
N GLY A 191 12.77 -2.02 3.01
CA GLY A 191 13.07 -0.66 3.44
C GLY A 191 13.20 0.33 2.30
N TYR A 192 13.73 -0.11 1.15
CA TYR A 192 14.12 0.78 0.05
C TYR A 192 13.47 0.42 -1.28
N PHE A 193 12.71 -0.67 -1.34
CA PHE A 193 12.11 -1.05 -2.61
C PHE A 193 10.86 -1.90 -2.33
N GLY A 194 10.12 -1.53 -1.29
CA GLY A 194 8.89 -2.23 -0.95
C GLY A 194 7.92 -1.24 -0.34
N ARG A 195 7.52 -0.23 -1.12
CA ARG A 195 6.80 0.89 -0.55
C ARG A 195 5.49 0.46 0.11
N LEU A 196 4.83 -0.58 -0.41
CA LEU A 196 3.56 -1.00 0.18
C LEU A 196 3.73 -1.93 1.38
N SER A 197 4.96 -2.25 1.77
CA SER A 197 5.18 -3.18 2.87
C SER A 197 5.20 -2.52 4.24
N GLY A 198 5.42 -1.22 4.31
CA GLY A 198 5.44 -0.49 5.59
C GLY A 198 6.73 -0.64 6.42
N PHE A 199 7.80 -1.14 5.81
CA PHE A 199 9.10 -1.22 6.53
C PHE A 199 9.85 0.11 6.43
N PRO A 200 10.54 0.54 7.50
CA PRO A 200 11.31 1.80 7.49
C PRO A 200 12.56 1.70 6.60
N PRO A 201 13.04 2.81 5.97
CA PRO A 201 12.38 4.12 5.97
C PRO A 201 11.33 4.31 4.86
N SER A 202 10.91 3.20 4.24
CA SER A 202 9.92 3.21 3.12
C SER A 202 10.37 4.12 1.96
N LEU A 203 11.65 4.10 1.59
CA LEU A 203 12.06 4.77 0.37
C LEU A 203 11.73 3.88 -0.82
N LEU A 204 11.80 4.46 -2.03
CA LEU A 204 11.54 3.70 -3.26
C LEU A 204 12.65 4.06 -4.24
N ASN A 205 13.74 3.30 -4.20
CA ASN A 205 14.94 3.66 -4.97
C ASN A 205 15.81 2.41 -5.10
N ILE A 206 15.83 1.82 -6.29
CA ILE A 206 16.58 0.58 -6.49
C ILE A 206 18.06 0.75 -6.10
N ASP A 207 18.62 1.96 -6.28
CA ASP A 207 20.02 2.17 -5.93
C ASP A 207 20.25 2.10 -4.42
N LEU A 208 19.27 2.51 -3.62
CA LEU A 208 19.43 2.42 -2.16
C LEU A 208 19.19 0.99 -1.69
N TYR A 209 18.25 0.28 -2.31
CA TYR A 209 18.11 -1.15 -2.12
C TYR A 209 19.45 -1.85 -2.34
N GLU A 210 20.12 -1.52 -3.45
CA GLU A 210 21.43 -2.13 -3.73
C GLU A 210 22.45 -1.75 -2.66
N LYS A 211 22.45 -0.49 -2.23
CA LYS A 211 23.42 -0.06 -1.23
C LYS A 211 23.21 -0.77 0.10
N ALA A 212 21.95 -0.93 0.52
CA ALA A 212 21.66 -1.56 1.81
C ALA A 212 22.00 -3.06 1.79
N LEU A 213 21.71 -3.74 0.68
CA LEU A 213 22.17 -5.12 0.50
C LEU A 213 23.68 -5.22 0.66
N ASP A 214 24.41 -4.33 -0.01
CA ASP A 214 25.86 -4.49 -0.09
C ASP A 214 26.52 -4.12 1.24
N ASN A 215 26.01 -3.09 1.94
CA ASN A 215 26.53 -2.80 3.28
C ASN A 215 26.24 -3.92 4.28
N GLN A 216 25.10 -4.59 4.16
CA GLN A 216 24.87 -5.73 5.05
C GLN A 216 25.78 -6.91 4.70
N ILE A 217 26.09 -7.12 3.41
CA ILE A 217 27.04 -8.17 3.04
C ILE A 217 28.40 -7.88 3.69
N LEU A 218 28.87 -6.63 3.55
CA LEU A 218 30.14 -6.22 4.14
C LEU A 218 30.11 -6.38 5.66
N ALA A 219 29.04 -5.89 6.29
CA ALA A 219 28.92 -6.01 7.73
C ALA A 219 28.98 -7.47 8.19
N HIS A 220 28.25 -8.36 7.49
CA HIS A 220 28.29 -9.76 7.88
C HIS A 220 29.70 -10.33 7.76
N ASN A 221 30.34 -10.14 6.62
CA ASN A 221 31.69 -10.74 6.38
C ASN A 221 32.70 -10.28 7.44
N LYS A 222 32.72 -8.99 7.71
CA LYS A 222 33.68 -8.45 8.70
C LYS A 222 33.32 -8.95 10.11
N ALA A 223 32.02 -9.05 10.39
CA ALA A 223 31.59 -9.51 11.73
C ALA A 223 32.04 -10.97 11.92
N TYR A 224 31.82 -11.80 10.92
CA TYR A 224 32.24 -13.23 11.03
C TYR A 224 33.75 -13.32 11.34
N GLU A 225 34.55 -12.57 10.61
CA GLU A 225 36.03 -12.61 10.75
C GLU A 225 36.47 -12.16 12.15
N THR A 226 35.89 -11.10 12.68
CA THR A 226 36.24 -10.66 14.05
C THR A 226 35.69 -11.65 15.08
N MET A 227 34.44 -12.08 14.93
CA MET A 227 33.90 -12.95 15.99
C MET A 227 34.65 -14.27 16.06
N LYS A 228 35.05 -14.84 14.91
CA LYS A 228 35.77 -16.10 14.93
C LYS A 228 37.12 -15.98 15.63
N GLN A 229 37.64 -14.75 15.81
CA GLN A 229 38.87 -14.57 16.55
C GLN A 229 38.67 -14.72 18.05
N PHE A 230 37.43 -14.62 18.53
CA PHE A 230 37.16 -14.55 19.95
C PHE A 230 36.18 -15.60 20.43
N THR A 231 35.59 -16.39 19.55
CA THR A 231 34.72 -17.46 19.99
C THR A 231 35.02 -18.70 19.20
N ASN A 232 34.84 -19.85 19.86
CA ASN A 232 34.87 -21.16 19.23
C ASN A 232 33.50 -21.62 18.75
N LYS A 233 32.45 -20.89 19.07
CA LYS A 233 31.12 -21.36 18.70
C LYS A 233 30.81 -21.07 17.23
N PRO A 234 29.98 -21.90 16.60
CA PRO A 234 29.61 -21.67 15.20
C PRO A 234 28.93 -20.31 15.02
N VAL A 235 29.25 -19.65 13.90
CA VAL A 235 28.68 -18.36 13.55
C VAL A 235 28.05 -18.47 12.18
N GLY A 236 26.74 -18.27 12.10
CA GLY A 236 26.06 -18.37 10.81
C GLY A 236 25.30 -17.13 10.42
N ILE A 237 24.33 -17.29 9.52
CA ILE A 237 23.46 -16.19 9.10
C ILE A 237 22.08 -16.79 8.87
N ILE A 238 21.06 -15.96 8.98
CA ILE A 238 19.67 -16.36 8.76
C ILE A 238 19.12 -15.56 7.59
N TYR A 239 18.56 -16.26 6.60
CA TYR A 239 18.22 -15.66 5.32
C TYR A 239 16.78 -15.98 4.93
N ALA A 240 16.07 -14.99 4.40
CA ALA A 240 14.69 -15.22 3.92
C ALA A 240 14.78 -15.75 2.50
N THR A 241 14.70 -17.07 2.35
CA THR A 241 14.82 -17.71 1.06
C THR A 241 13.46 -17.73 0.37
N SER A 242 13.36 -17.08 -0.78
CA SER A 242 12.17 -17.23 -1.60
C SER A 242 12.24 -18.50 -2.43
N TRP A 243 11.06 -18.99 -2.82
CA TRP A 243 10.93 -20.05 -3.80
C TRP A 243 10.03 -19.54 -4.93
N CYS A 244 10.63 -19.18 -6.06
CA CYS A 244 9.94 -18.58 -7.18
C CYS A 244 9.62 -19.64 -8.24
N GLU A 245 8.38 -19.66 -8.68
CA GLU A 245 7.98 -20.49 -9.81
C GLU A 245 7.41 -19.58 -10.89
N GLY A 246 7.23 -20.12 -12.10
CA GLY A 246 6.69 -19.31 -13.19
C GLY A 246 7.40 -19.57 -14.51
N ASP A 247 7.47 -18.55 -15.36
CA ASP A 247 8.11 -18.70 -16.66
C ASP A 247 9.63 -18.65 -16.47
N ASP A 248 10.38 -18.55 -17.56
CA ASP A 248 11.84 -18.56 -17.48
C ASP A 248 12.41 -17.44 -16.61
N ALA A 249 11.64 -16.41 -16.29
CA ALA A 249 12.16 -15.38 -15.40
C ALA A 249 12.39 -15.84 -13.95
N ARG A 250 11.99 -17.08 -13.57
CA ARG A 250 12.26 -17.57 -12.22
C ARG A 250 13.72 -17.43 -11.85
N ASN A 251 14.61 -17.79 -12.78
CA ASN A 251 16.04 -17.83 -12.49
C ASN A 251 16.55 -16.44 -12.13
N ASP A 252 16.15 -15.43 -12.88
CA ASP A 252 16.58 -14.07 -12.54
C ASP A 252 15.99 -13.62 -11.22
N ALA A 253 14.74 -13.97 -10.95
CA ALA A 253 14.13 -13.61 -9.68
C ALA A 253 14.88 -14.24 -8.51
N MET A 254 15.17 -15.54 -8.62
CA MET A 254 15.91 -16.25 -7.56
C MET A 254 17.30 -15.68 -7.37
N GLU A 255 17.92 -15.19 -8.44
CA GLU A 255 19.25 -14.60 -8.31
C GLU A 255 19.21 -13.36 -7.43
N LEU A 256 18.23 -12.48 -7.64
CA LEU A 256 18.19 -11.27 -6.82
C LEU A 256 17.62 -11.57 -5.44
N GLU A 257 16.62 -12.47 -5.36
CA GLU A 257 15.97 -12.71 -4.07
C GLU A 257 16.88 -13.48 -3.12
N ASN A 258 17.67 -14.41 -3.64
CA ASN A 258 18.42 -15.37 -2.83
C ASN A 258 19.92 -15.34 -3.10
N TRP A 259 20.34 -15.63 -4.34
CA TRP A 259 21.71 -16.09 -4.54
C TRP A 259 22.69 -14.94 -4.60
N TYR A 260 22.27 -13.74 -5.00
CA TYR A 260 23.19 -12.61 -5.00
C TYR A 260 23.80 -12.42 -3.61
N PHE A 261 22.97 -12.33 -2.58
CA PHE A 261 23.47 -12.11 -1.22
C PHE A 261 24.19 -13.35 -0.71
N LEU A 262 23.56 -14.52 -0.86
CA LEU A 262 24.12 -15.73 -0.26
C LEU A 262 25.44 -16.13 -0.91
N ASP A 263 25.59 -15.95 -2.23
CA ASP A 263 26.89 -16.18 -2.87
C ASP A 263 27.99 -15.37 -2.19
N ARG A 264 27.67 -14.14 -1.76
CA ARG A 264 28.67 -13.21 -1.26
C ARG A 264 28.92 -13.32 0.26
N VAL A 265 28.21 -14.22 0.95
CA VAL A 265 28.49 -14.45 2.40
C VAL A 265 28.81 -15.93 2.68
N ILE A 266 28.56 -16.84 1.74
CA ILE A 266 28.66 -18.31 1.98
C ILE A 266 30.06 -18.72 2.51
N ASP A 267 31.10 -18.05 2.05
CA ASP A 267 32.49 -18.38 2.49
C ASP A 267 32.70 -17.96 3.95
N ARG A 268 31.80 -17.17 4.52
CA ARG A 268 31.98 -16.63 5.88
C ARG A 268 30.78 -17.00 6.77
N ILE A 269 30.33 -18.24 6.68
CA ILE A 269 29.29 -18.76 7.61
C ILE A 269 29.61 -20.22 7.94
N ASP A 270 29.29 -20.62 9.16
CA ASP A 270 29.45 -22.01 9.57
C ASP A 270 28.19 -22.82 9.33
N PHE A 271 27.04 -22.16 9.14
CA PHE A 271 25.80 -22.82 8.81
C PHE A 271 24.88 -21.78 8.22
N LEU A 272 23.86 -22.24 7.50
CA LEU A 272 22.89 -21.35 6.89
C LEU A 272 21.53 -21.63 7.50
N GLY A 273 20.91 -20.59 8.06
CA GLY A 273 19.53 -20.68 8.52
C GLY A 273 18.59 -20.21 7.42
N VAL A 274 17.64 -21.07 7.09
CA VAL A 274 16.67 -20.83 6.03
C VAL A 274 15.33 -20.48 6.67
N ASN A 275 14.81 -19.29 6.33
CA ASN A 275 13.47 -18.86 6.75
C ASN A 275 12.55 -18.99 5.55
N TYR A 276 11.50 -19.82 5.67
CA TYR A 276 10.59 -20.06 4.56
C TYR A 276 9.15 -20.01 5.05
N TYR A 277 8.30 -19.25 4.35
CA TYR A 277 6.87 -19.18 4.65
C TYR A 277 6.00 -19.59 3.47
N THR A 278 6.31 -19.16 2.25
CA THR A 278 5.46 -19.47 1.10
C THR A 278 6.26 -19.25 -0.18
N ARG A 279 5.63 -19.57 -1.31
CA ARG A 279 6.25 -19.46 -2.62
C ARG A 279 5.91 -18.11 -3.25
N ALA A 280 6.39 -17.90 -4.47
CA ALA A 280 6.07 -16.70 -5.23
C ALA A 280 6.00 -17.10 -6.69
N ILE A 281 5.02 -16.57 -7.42
CA ILE A 281 4.87 -16.84 -8.85
C ILE A 281 5.33 -15.61 -9.60
N VAL A 282 6.20 -15.79 -10.58
CA VAL A 282 6.73 -14.65 -11.31
C VAL A 282 6.43 -14.82 -12.79
N LYS A 283 6.43 -13.68 -13.49
CA LYS A 283 6.40 -13.70 -14.94
C LYS A 283 7.23 -12.54 -15.47
N ARG A 284 7.82 -12.77 -16.62
CA ARG A 284 8.68 -11.78 -17.26
C ARG A 284 7.92 -10.49 -17.54
N THR A 285 8.59 -9.34 -17.34
CA THR A 285 8.06 -8.04 -17.69
C THR A 285 8.54 -7.61 -19.07
N PRO A 286 7.81 -6.73 -19.75
CA PRO A 286 8.27 -6.28 -21.08
C PRO A 286 9.56 -5.48 -21.03
N SER A 287 9.81 -4.73 -19.96
CA SER A 287 11.00 -3.90 -19.87
C SER A 287 11.94 -4.42 -18.78
N VAL A 288 13.19 -4.04 -18.91
CA VAL A 288 14.21 -4.34 -17.90
C VAL A 288 14.40 -3.10 -17.06
N LEU A 289 14.33 -3.27 -15.75
CA LEU A 289 14.68 -2.22 -14.80
C LEU A 289 16.07 -2.53 -14.25
N SER A 290 17.00 -1.59 -14.41
CA SER A 290 18.35 -1.77 -13.90
C SER A 290 18.73 -0.65 -12.95
N SER A 291 19.51 -0.99 -11.94
CA SER A 291 20.09 0.03 -11.09
C SER A 291 21.06 0.89 -11.89
N SER A 292 21.42 2.03 -11.32
CA SER A 292 22.36 2.98 -11.96
C SER A 292 23.74 2.34 -12.17
N SER A 293 24.14 1.44 -11.28
CA SER A 293 25.43 0.70 -11.38
C SER A 293 25.35 -0.38 -12.47
N GLY A 294 24.14 -0.70 -12.92
CA GLY A 294 23.96 -1.82 -13.86
C GLY A 294 24.12 -3.18 -13.16
N ARG A 295 24.33 -3.18 -11.84
CA ARG A 295 24.62 -4.47 -11.15
C ARG A 295 23.33 -5.22 -10.76
N ILE A 296 22.24 -4.50 -10.49
CA ILE A 296 20.93 -5.13 -10.15
C ILE A 296 19.99 -4.99 -11.36
N LYS A 297 19.33 -6.07 -11.73
CA LYS A 297 18.46 -6.08 -12.90
C LYS A 297 17.15 -6.79 -12.54
N ILE A 298 16.01 -6.15 -12.83
CA ILE A 298 14.70 -6.70 -12.53
C ILE A 298 13.89 -6.73 -13.81
N ASN A 299 13.47 -7.92 -14.21
CA ASN A 299 12.67 -8.12 -15.42
C ASN A 299 11.57 -9.16 -15.17
N TRP A 300 11.01 -9.17 -13.95
CA TRP A 300 9.89 -10.04 -13.61
C TRP A 300 8.94 -9.25 -12.73
N SER A 301 7.71 -9.74 -12.64
CA SER A 301 6.74 -9.25 -11.69
C SER A 301 6.20 -10.45 -10.92
N PHE A 302 5.65 -10.19 -9.74
CA PHE A 302 5.01 -11.22 -8.93
C PHE A 302 3.52 -11.30 -9.29
N VAL A 303 3.05 -12.51 -9.58
CA VAL A 303 1.68 -12.76 -10.02
C VAL A 303 0.75 -12.83 -8.81
N PRO A 304 -0.31 -12.01 -8.75
CA PRO A 304 -1.21 -12.05 -7.61
C PRO A 304 -2.08 -13.31 -7.60
N GLY A 305 -2.57 -13.64 -6.41
CA GLY A 305 -3.36 -14.84 -6.20
C GLY A 305 -2.57 -16.08 -5.82
N PHE A 306 -1.26 -15.94 -5.57
CA PHE A 306 -0.41 -17.05 -5.17
C PHE A 306 0.58 -16.58 -4.12
N GLY A 307 1.16 -17.54 -3.39
CA GLY A 307 2.19 -17.25 -2.40
C GLY A 307 1.78 -16.19 -1.40
N GLY A 308 2.58 -15.12 -1.30
CA GLY A 308 2.30 -14.05 -0.36
C GLY A 308 1.21 -13.09 -0.76
N SER A 309 0.59 -13.31 -1.92
CA SER A 309 -0.29 -12.34 -2.57
C SER A 309 -1.72 -12.86 -2.67
N CYS A 310 -2.15 -13.67 -1.72
CA CYS A 310 -3.50 -14.22 -1.75
C CYS A 310 -4.43 -13.36 -0.92
N GLN A 311 -5.73 -13.58 -1.11
CA GLN A 311 -6.72 -13.01 -0.20
C GLN A 311 -6.60 -13.67 1.18
N ARG A 312 -6.94 -12.91 2.22
CA ARG A 312 -6.87 -13.43 3.57
C ARG A 312 -7.92 -14.52 3.79
N ASN A 313 -7.54 -15.58 4.51
CA ASN A 313 -8.48 -16.65 4.90
C ASN A 313 -9.29 -17.15 3.71
N SER A 314 -8.57 -17.53 2.67
CA SER A 314 -9.22 -17.87 1.41
C SER A 314 -8.47 -19.02 0.78
N LYS A 315 -8.40 -19.04 -0.54
CA LYS A 315 -7.61 -20.01 -1.27
C LYS A 315 -6.79 -19.28 -2.33
N SER A 316 -5.61 -19.80 -2.63
CA SER A 316 -4.90 -19.34 -3.80
C SER A 316 -5.65 -19.77 -5.08
N LEU A 317 -5.20 -19.23 -6.22
CA LEU A 317 -5.74 -19.66 -7.51
C LEU A 317 -5.40 -21.10 -7.84
N ASP A 318 -4.49 -21.74 -7.11
CA ASP A 318 -4.26 -23.18 -7.22
C ASP A 318 -5.08 -23.99 -6.23
N GLY A 319 -6.00 -23.36 -5.51
CA GLY A 319 -6.85 -24.10 -4.57
C GLY A 319 -6.22 -24.41 -3.23
N ARG A 320 -5.06 -23.81 -2.90
CA ARG A 320 -4.44 -24.10 -1.61
C ARG A 320 -4.86 -23.07 -0.56
N PRO A 321 -4.94 -23.44 0.71
CA PRO A 321 -5.41 -22.49 1.72
C PRO A 321 -4.46 -21.31 1.87
N SER A 322 -5.04 -20.14 2.14
CA SER A 322 -4.30 -18.96 2.55
C SER A 322 -4.72 -18.54 3.96
N THR A 323 -3.76 -18.00 4.71
CA THR A 323 -3.87 -17.82 6.16
C THR A 323 -4.40 -16.43 6.52
N ASP A 324 -4.25 -16.06 7.80
CA ASP A 324 -4.77 -14.78 8.29
C ASP A 324 -4.14 -13.59 7.59
N ASN A 325 -2.90 -13.73 7.10
CA ASN A 325 -2.26 -12.64 6.36
C ASN A 325 -2.20 -12.92 4.88
N GLY A 326 -2.99 -13.88 4.39
CA GLY A 326 -3.06 -14.13 2.96
C GLY A 326 -1.87 -14.85 2.35
N TRP A 327 -1.10 -15.60 3.13
CA TRP A 327 0.03 -16.35 2.57
C TRP A 327 -0.39 -17.78 2.30
N GLU A 328 -0.13 -18.24 1.09
CA GLU A 328 -0.48 -19.58 0.66
C GLU A 328 0.32 -20.63 1.41
N ILE A 329 -0.33 -21.72 1.79
CA ILE A 329 0.37 -22.87 2.37
C ILE A 329 0.91 -23.71 1.22
N TYR A 330 2.24 -23.75 1.09
CA TYR A 330 2.92 -24.42 -0.01
C TYR A 330 4.12 -25.18 0.56
N PRO A 331 3.87 -26.27 1.27
CA PRO A 331 4.96 -26.94 1.98
C PRO A 331 6.07 -27.47 1.05
N GLU A 332 5.75 -27.88 -0.18
CA GLU A 332 6.78 -28.43 -1.06
C GLU A 332 7.89 -27.41 -1.34
N GLY A 333 7.56 -26.12 -1.31
CA GLY A 333 8.57 -25.11 -1.57
C GLY A 333 9.70 -25.14 -0.56
N LEU A 334 9.42 -25.53 0.68
CA LEU A 334 10.49 -25.62 1.66
C LEU A 334 11.52 -26.67 1.23
N GLY A 335 11.06 -27.82 0.74
CA GLY A 335 11.99 -28.83 0.23
C GLY A 335 12.74 -28.37 -1.01
N TYR A 336 12.06 -27.67 -1.92
CA TYR A 336 12.74 -27.15 -3.11
C TYR A 336 13.83 -26.15 -2.74
N VAL A 337 13.54 -25.22 -1.82
CA VAL A 337 14.54 -24.24 -1.40
C VAL A 337 15.74 -24.95 -0.75
N LEU A 338 15.47 -25.90 0.14
CA LEU A 338 16.57 -26.57 0.84
C LEU A 338 17.43 -27.37 -0.13
N ARG A 339 16.80 -28.01 -1.12
CA ARG A 339 17.58 -28.76 -2.11
C ARG A 339 18.40 -27.81 -2.99
N SER A 340 17.85 -26.63 -3.31
CA SER A 340 18.65 -25.64 -4.04
C SER A 340 19.85 -25.19 -3.21
N CYS A 341 19.65 -24.96 -1.91
CA CYS A 341 20.78 -24.57 -1.07
C CYS A 341 21.81 -25.68 -0.99
N ARG A 342 21.35 -26.93 -0.88
CA ARG A 342 22.28 -28.05 -0.84
C ARG A 342 23.07 -28.15 -2.15
N ASP A 343 22.38 -28.00 -3.29
CA ASP A 343 23.06 -28.09 -4.58
C ASP A 343 24.06 -26.96 -4.78
N ARG A 344 23.75 -25.75 -4.32
CA ARG A 344 24.63 -24.61 -4.58
C ARG A 344 25.78 -24.51 -3.59
N TYR A 345 25.58 -24.93 -2.35
CA TYR A 345 26.50 -24.62 -1.27
C TYR A 345 26.80 -25.89 -0.50
N LYS A 346 28.03 -26.02 -0.03
CA LYS A 346 28.42 -27.15 0.83
C LYS A 346 28.40 -26.60 2.25
N LYS A 347 27.22 -26.63 2.87
CA LYS A 347 27.07 -25.93 4.14
C LYS A 347 25.93 -26.54 4.96
N PRO A 348 26.13 -26.78 6.25
CA PRO A 348 25.02 -27.28 7.09
C PRO A 348 23.85 -26.31 7.08
N LEU A 349 22.64 -26.87 7.03
CA LEU A 349 21.39 -26.14 6.93
C LEU A 349 20.54 -26.35 8.17
N TYR A 350 19.82 -25.29 8.57
CA TYR A 350 18.76 -25.33 9.57
C TYR A 350 17.55 -24.62 8.98
N VAL A 351 16.35 -25.10 9.27
CA VAL A 351 15.16 -24.27 9.06
C VAL A 351 15.04 -23.39 10.30
N THR A 352 15.31 -22.10 10.16
CA THR A 352 15.34 -21.21 11.32
C THR A 352 14.01 -20.48 11.55
N GLU A 353 13.12 -20.47 10.55
CA GLU A 353 11.74 -19.96 10.64
C GLU A 353 10.83 -20.66 9.65
N ASN A 354 9.62 -20.97 10.14
CA ASN A 354 8.50 -21.44 9.34
C ASN A 354 7.27 -21.37 10.22
N GLY A 355 6.18 -20.80 9.71
CA GLY A 355 4.98 -20.68 10.51
C GLY A 355 3.86 -20.02 9.72
N VAL A 356 2.77 -19.71 10.42
CA VAL A 356 1.55 -19.17 9.83
C VAL A 356 0.91 -18.16 10.79
N ALA A 357 0.32 -17.12 10.21
CA ALA A 357 -0.57 -16.22 10.93
C ALA A 357 -1.93 -16.88 11.04
N ASP A 358 -2.38 -17.15 12.26
CA ASP A 358 -3.50 -18.06 12.46
C ASP A 358 -3.97 -18.05 13.91
N ASP A 359 -4.87 -17.11 14.24
CA ASP A 359 -5.32 -16.99 15.62
C ASP A 359 -6.17 -18.19 16.04
N ARG A 360 -7.02 -18.67 15.13
CA ARG A 360 -7.94 -19.75 15.46
C ARG A 360 -7.30 -21.13 15.41
N ASP A 361 -6.06 -21.26 14.93
CA ASP A 361 -5.35 -22.54 14.84
C ASP A 361 -5.98 -23.48 13.82
N ILE A 362 -6.58 -22.93 12.77
CA ILE A 362 -7.21 -23.76 11.74
C ILE A 362 -6.27 -24.09 10.58
N TYR A 363 -5.11 -23.44 10.52
CA TYR A 363 -4.08 -23.67 9.51
C TYR A 363 -2.82 -24.28 10.07
N ARG A 364 -2.46 -23.93 11.32
CA ARG A 364 -1.16 -24.29 11.88
C ARG A 364 -0.97 -25.79 12.07
N PRO A 365 -1.94 -26.57 12.60
CA PRO A 365 -1.72 -28.03 12.66
C PRO A 365 -1.36 -28.62 11.31
N TYR A 366 -2.12 -28.30 10.27
CA TYR A 366 -1.86 -28.81 8.93
C TYR A 366 -0.51 -28.32 8.42
N SER A 367 -0.25 -27.01 8.54
CA SER A 367 0.98 -26.44 7.99
C SER A 367 2.21 -27.02 8.70
N LEU A 368 2.18 -27.10 10.03
CA LEU A 368 3.29 -27.67 10.78
C LEU A 368 3.59 -29.11 10.36
N LEU A 369 2.55 -29.94 10.32
CA LEU A 369 2.78 -31.35 9.95
C LEU A 369 3.28 -31.47 8.53
N ALA A 370 2.67 -30.73 7.60
CA ALA A 370 3.07 -30.86 6.19
C ALA A 370 4.49 -30.39 5.97
N HIS A 371 4.91 -29.31 6.64
CA HIS A 371 6.28 -28.85 6.45
C HIS A 371 7.28 -29.78 7.11
N LEU A 372 6.92 -30.34 8.27
CA LEU A 372 7.83 -31.29 8.91
C LEU A 372 7.96 -32.57 8.09
N LYS A 373 6.90 -32.95 7.38
CA LYS A 373 7.00 -34.11 6.50
C LYS A 373 8.01 -33.84 5.38
N ILE A 374 7.99 -32.64 4.81
CA ILE A 374 8.97 -32.25 3.80
C ILE A 374 10.37 -32.28 4.39
N VAL A 375 10.54 -31.76 5.62
CA VAL A 375 11.84 -31.82 6.29
C VAL A 375 12.29 -33.27 6.42
N GLU A 376 11.39 -34.16 6.84
CA GLU A 376 11.74 -35.57 6.96
C GLU A 376 12.12 -36.18 5.61
N ASP A 377 11.44 -35.76 4.53
CA ASP A 377 11.84 -36.20 3.18
C ASP A 377 13.29 -35.81 2.87
N CYS A 378 13.68 -34.58 3.22
CA CYS A 378 15.05 -34.14 2.97
C CYS A 378 16.05 -34.95 3.78
N LEU A 379 15.74 -35.26 5.04
CA LEU A 379 16.61 -36.11 5.84
C LEU A 379 16.78 -37.49 5.20
N LYS A 380 15.70 -38.06 4.68
CA LYS A 380 15.80 -39.33 3.96
C LYS A 380 16.72 -39.22 2.75
N GLU A 381 16.84 -38.05 2.16
CA GLU A 381 17.79 -37.86 1.07
C GLU A 381 19.22 -37.66 1.57
N ASN A 382 19.44 -37.81 2.88
CA ASN A 382 20.74 -37.62 3.54
C ASN A 382 21.23 -36.18 3.43
N MET A 383 20.32 -35.20 3.37
CA MET A 383 20.74 -33.81 3.37
C MET A 383 21.27 -33.43 4.75
N ASP A 384 22.33 -32.63 4.78
CA ASP A 384 22.88 -32.14 6.03
C ASP A 384 21.98 -31.05 6.62
N LEU A 385 20.82 -31.46 7.13
CA LEU A 385 19.81 -30.58 7.69
C LEU A 385 19.71 -30.90 9.18
N ARG A 386 19.95 -29.91 10.03
CA ARG A 386 20.25 -30.17 11.43
C ARG A 386 19.19 -29.67 12.40
N GLY A 387 18.14 -28.99 11.94
CA GLY A 387 17.11 -28.59 12.88
C GLY A 387 15.99 -27.87 12.18
N TYR A 388 14.90 -27.68 12.94
CA TYR A 388 13.71 -27.00 12.49
C TYR A 388 13.20 -26.14 13.64
N MET A 389 12.98 -24.86 13.38
CA MET A 389 12.63 -23.89 14.40
C MET A 389 11.39 -23.17 13.88
N HIS A 390 10.31 -23.27 14.62
CA HIS A 390 9.02 -22.67 14.21
C HIS A 390 8.88 -21.21 14.64
N TRP A 391 8.23 -20.40 13.82
CA TRP A 391 7.90 -19.01 14.17
C TRP A 391 6.39 -18.96 14.45
N SER A 392 6.04 -18.86 15.73
CA SER A 392 6.94 -18.90 16.91
C SER A 392 6.26 -19.64 18.08
N ILE A 393 6.89 -19.60 19.25
CA ILE A 393 6.30 -20.22 20.47
C ILE A 393 5.05 -19.43 20.86
N ILE A 394 5.16 -18.10 20.79
CA ILE A 394 4.02 -17.23 21.21
C ILE A 394 3.70 -16.13 20.19
N ASP A 395 2.45 -15.68 20.21
CA ASP A 395 2.04 -14.51 19.44
C ASP A 395 2.92 -13.31 19.81
N ASN A 396 3.10 -12.39 18.86
CA ASN A 396 4.05 -11.30 19.09
C ASN A 396 3.72 -10.15 18.15
N PHE A 397 4.56 -9.11 18.19
CA PHE A 397 4.32 -7.87 17.43
C PHE A 397 4.79 -8.07 15.99
N GLU A 398 3.85 -8.17 15.04
CA GLU A 398 4.19 -8.53 13.66
C GLU A 398 4.44 -7.28 12.80
N TRP A 399 5.55 -6.59 13.12
CA TRP A 399 6.08 -5.45 12.38
C TRP A 399 4.95 -4.46 12.01
N PRO A 400 4.63 -4.09 10.76
CA PRO A 400 3.62 -3.02 10.59
C PRO A 400 2.18 -3.49 10.84
N MET A 401 1.99 -4.79 11.06
CA MET A 401 0.68 -5.37 11.32
C MET A 401 0.33 -5.34 12.81
N GLY A 402 1.30 -5.05 13.69
CA GLY A 402 1.01 -5.06 15.11
C GLY A 402 0.67 -6.46 15.56
N TYR A 403 -0.23 -6.56 16.55
CA TYR A 403 -0.63 -7.84 17.12
C TYR A 403 -1.71 -8.54 16.30
N SER A 404 -2.19 -7.93 15.21
CA SER A 404 -3.31 -8.53 14.49
C SER A 404 -2.97 -9.89 13.86
N MET A 405 -1.68 -10.18 13.64
CA MET A 405 -1.27 -11.34 12.87
C MET A 405 -0.60 -12.25 13.91
N ARG A 406 -1.25 -13.37 14.26
CA ARG A 406 -0.83 -14.15 15.42
C ARG A 406 -0.15 -15.45 14.97
N PHE A 407 1.17 -15.54 15.18
CA PHE A 407 1.99 -16.66 14.68
C PHE A 407 2.29 -17.72 15.73
N GLY A 408 1.80 -17.58 16.96
CA GLY A 408 2.28 -18.45 18.03
C GLY A 408 1.67 -19.84 18.01
N LEU A 409 2.47 -20.83 18.40
CA LEU A 409 1.91 -22.09 18.89
C LEU A 409 1.08 -21.87 20.14
N VAL A 410 1.32 -20.75 20.82
CA VAL A 410 0.68 -20.40 22.09
C VAL A 410 0.06 -19.02 21.93
N ARG A 411 -1.21 -18.89 22.28
CA ARG A 411 -1.89 -17.61 22.21
C ARG A 411 -1.49 -16.71 23.37
N VAL A 412 -1.34 -15.42 23.09
CA VAL A 412 -1.05 -14.44 24.13
C VAL A 412 -2.25 -13.52 24.25
N ASP A 413 -2.77 -13.39 25.47
CA ASP A 413 -3.65 -12.26 25.77
C ASP A 413 -2.74 -11.14 26.28
N PHE A 414 -2.53 -10.13 25.44
CA PHE A 414 -1.49 -9.15 25.73
C PHE A 414 -1.88 -8.26 26.91
N LYS A 415 -3.16 -7.95 27.05
CA LYS A 415 -3.61 -7.14 28.18
C LYS A 415 -3.46 -7.89 29.49
N GLN A 416 -3.89 -9.16 29.54
CA GLN A 416 -3.81 -9.91 30.79
C GLN A 416 -2.49 -10.64 30.97
N LYS A 417 -1.59 -10.56 29.98
CA LYS A 417 -0.27 -11.21 30.04
C LYS A 417 -0.41 -12.72 30.28
N LEU A 418 -1.31 -13.34 29.54
CA LEU A 418 -1.68 -14.74 29.70
C LEU A 418 -1.24 -15.55 28.47
N PHE A 419 -0.63 -16.72 28.72
CA PHE A 419 -0.20 -17.63 27.67
C PHE A 419 -1.12 -18.86 27.65
N THR A 420 -1.69 -19.18 26.50
CA THR A 420 -2.58 -20.34 26.37
C THR A 420 -2.21 -21.17 25.13
N PRO A 421 -1.63 -22.35 25.28
CA PRO A 421 -1.27 -23.15 24.10
C PRO A 421 -2.47 -23.49 23.22
N ARG A 422 -2.26 -23.38 21.91
CA ARG A 422 -3.24 -23.83 20.93
C ARG A 422 -3.05 -25.32 20.70
N PRO A 423 -4.02 -26.00 20.08
CA PRO A 423 -3.86 -27.46 19.88
C PRO A 423 -2.63 -27.82 19.07
N SER A 424 -2.20 -26.95 18.15
CA SER A 424 -0.98 -27.22 17.39
C SER A 424 0.24 -27.36 18.29
N TYR A 425 0.24 -26.70 19.46
CA TYR A 425 1.34 -26.86 20.41
C TYR A 425 1.42 -28.30 20.89
N TYR A 426 0.28 -28.90 21.25
CA TYR A 426 0.28 -30.29 21.69
C TYR A 426 0.63 -31.23 20.54
N LEU A 427 0.22 -30.91 19.31
CA LEU A 427 0.58 -31.76 18.18
C LEU A 427 2.09 -31.73 17.95
N PHE A 428 2.71 -30.55 18.00
CA PHE A 428 4.16 -30.45 17.86
C PHE A 428 4.86 -31.33 18.91
N GLY A 429 4.41 -31.27 20.17
CA GLY A 429 4.97 -32.15 21.18
C GLY A 429 4.89 -33.62 20.82
N GLN A 430 3.75 -34.04 20.25
CA GLN A 430 3.60 -35.45 19.88
C GLN A 430 4.53 -35.83 18.73
N ILE A 431 4.71 -34.93 17.76
CA ILE A 431 5.64 -35.23 16.67
C ILE A 431 7.07 -35.31 17.19
N ILE A 432 7.46 -34.37 18.05
CA ILE A 432 8.78 -34.41 18.65
C ILE A 432 8.99 -35.70 19.44
N ASN A 433 7.98 -36.10 20.20
CA ASN A 433 8.09 -37.34 21.02
C ASN A 433 8.32 -38.57 20.12
N SER A 434 7.61 -38.64 19.00
CA SER A 434 7.70 -39.80 18.09
C SER A 434 8.97 -39.74 17.23
N ARG A 435 9.56 -38.55 17.10
CA ARG A 435 10.75 -38.36 16.23
C ARG A 435 10.47 -38.74 14.77
N THR A 436 9.21 -38.64 14.33
CA THR A 436 8.84 -38.87 12.91
C THR A 436 7.40 -38.40 12.69
N THR A 437 7.12 -37.97 11.48
CA THR A 437 5.76 -37.59 11.13
C THR A 437 4.92 -38.77 10.66
N GLU A 438 5.54 -39.94 10.46
CA GLU A 438 4.85 -41.08 9.87
C GLU A 438 3.54 -41.44 10.56
N PRO A 439 3.42 -41.50 11.90
CA PRO A 439 2.12 -41.82 12.51
C PRO A 439 1.06 -40.74 12.39
N PHE A 440 1.36 -39.59 11.77
CA PHE A 440 0.44 -38.46 11.71
C PHE A 440 -0.03 -38.15 10.30
N LEU A 441 0.59 -38.77 9.30
CA LEU A 441 0.41 -38.37 7.91
C LEU A 441 -1.04 -38.45 7.44
N ASN A 442 -1.84 -39.36 8.02
CA ASN A 442 -3.20 -39.51 7.51
C ASN A 442 -4.04 -38.24 7.70
N LEU A 443 -3.69 -37.41 8.71
CA LEU A 443 -4.40 -36.14 8.91
C LEU A 443 -4.34 -35.27 7.67
N LEU A 444 -3.26 -35.39 6.89
CA LEU A 444 -3.07 -34.56 5.72
C LEU A 444 -4.12 -34.86 4.66
N LYS A 445 -4.69 -36.06 4.69
CA LYS A 445 -5.67 -36.43 3.69
C LYS A 445 -6.93 -35.57 3.76
N ALA A 446 -7.23 -35.00 4.93
CA ALA A 446 -8.42 -34.15 5.04
C ALA A 446 -8.30 -32.88 4.21
N TRP A 447 -7.09 -32.50 3.81
CA TRP A 447 -6.84 -31.29 3.06
C TRP A 447 -6.63 -31.53 1.57
N GLU A 448 -6.63 -32.79 1.13
CA GLU A 448 -6.65 -33.08 -0.30
C GLU A 448 -7.94 -33.77 -0.74
N MET B 1 -42.49 13.58 -12.05
CA MET B 1 -41.33 13.28 -12.92
C MET B 1 -40.17 14.25 -12.71
N PHE B 2 -38.94 13.84 -12.97
CA PHE B 2 -37.78 14.73 -13.02
C PHE B 2 -38.17 15.97 -13.82
N PRO B 3 -37.76 17.18 -13.41
CA PRO B 3 -38.10 18.37 -14.20
C PRO B 3 -37.64 18.24 -15.64
N GLN B 4 -38.32 18.95 -16.53
CA GLN B 4 -38.05 18.78 -17.95
C GLN B 4 -36.65 19.26 -18.34
N ASP B 5 -36.11 20.26 -17.66
CA ASP B 5 -34.76 20.75 -17.93
C ASP B 5 -33.68 20.04 -17.10
N PHE B 6 -34.03 18.98 -16.37
CA PHE B 6 -33.03 18.22 -15.62
C PHE B 6 -32.02 17.58 -16.56
N LEU B 7 -30.74 17.60 -16.20
CA LEU B 7 -29.70 17.08 -17.07
C LEU B 7 -29.36 15.64 -16.67
N PHE B 8 -29.42 14.72 -17.64
CA PHE B 8 -28.93 13.35 -17.49
C PHE B 8 -27.75 13.18 -18.43
N GLY B 9 -26.62 12.72 -17.89
CA GLY B 9 -25.47 12.51 -18.76
C GLY B 9 -24.33 11.77 -18.10
N VAL B 10 -23.10 12.06 -18.53
CA VAL B 10 -21.91 11.34 -18.07
C VAL B 10 -20.79 12.35 -17.89
N ALA B 11 -19.73 11.89 -17.21
CA ALA B 11 -18.53 12.65 -16.91
C ALA B 11 -17.32 11.92 -17.44
N MET B 12 -16.37 12.68 -17.97
CA MET B 12 -15.09 12.18 -18.44
C MET B 12 -13.97 13.14 -18.05
N SER B 13 -12.75 12.66 -18.20
CA SER B 13 -11.53 13.42 -18.02
C SER B 13 -10.69 13.30 -19.29
N GLY B 14 -9.71 14.18 -19.42
CA GLY B 14 -8.80 14.10 -20.56
C GLY B 14 -7.87 12.91 -20.46
N PHE B 15 -7.16 12.78 -19.34
CA PHE B 15 -6.10 11.79 -19.27
C PHE B 15 -6.63 10.36 -19.33
N GLN B 16 -7.82 10.11 -18.77
CA GLN B 16 -8.26 8.73 -18.69
C GLN B 16 -8.89 8.23 -19.99
N PHE B 17 -9.12 9.10 -20.96
CA PHE B 17 -9.97 8.78 -22.12
C PHE B 17 -9.31 9.07 -23.46
N GLU B 18 -8.46 10.12 -23.53
CA GLU B 18 -8.12 10.72 -24.82
C GLU B 18 -7.20 9.83 -25.64
N MET B 19 -6.18 9.27 -25.02
CA MET B 19 -5.07 8.69 -25.76
C MET B 19 -5.46 7.29 -26.24
N GLY B 20 -4.64 6.73 -27.13
CA GLY B 20 -4.95 5.45 -27.75
C GLY B 20 -4.40 5.36 -29.17
N LYS B 21 -4.20 6.51 -29.80
CA LYS B 21 -3.62 6.60 -31.14
C LYS B 21 -2.39 7.47 -31.05
N GLU B 22 -1.39 7.19 -31.90
CA GLU B 22 -0.12 7.91 -31.83
C GLU B 22 -0.31 9.42 -31.97
N ASN B 23 -1.26 9.88 -32.79
CA ASN B 23 -1.42 11.31 -33.02
C ASN B 23 -1.91 12.06 -31.76
N SER B 24 -2.41 11.37 -30.75
CA SER B 24 -2.89 12.05 -29.55
C SER B 24 -1.93 11.94 -28.37
N LYS B 25 -0.82 11.21 -28.52
CA LYS B 25 0.02 10.89 -27.37
C LYS B 25 0.49 12.17 -26.68
N ASP B 26 0.29 12.25 -25.37
CA ASP B 26 0.68 13.40 -24.57
C ASP B 26 1.58 12.90 -23.44
N GLU B 27 2.90 13.02 -23.63
CA GLU B 27 3.85 12.65 -22.58
C GLU B 27 4.11 13.76 -21.58
N ASN B 28 3.44 14.90 -21.72
CA ASN B 28 3.77 16.11 -20.96
C ASN B 28 2.99 16.26 -19.66
N THR B 29 2.71 15.19 -18.90
CA THR B 29 2.04 15.34 -17.61
C THR B 29 2.81 14.62 -16.52
N ASP B 30 2.56 15.05 -15.29
CA ASP B 30 3.08 14.34 -14.14
C ASP B 30 2.57 12.89 -14.12
N TRP B 31 1.31 12.67 -14.50
CA TRP B 31 0.72 11.34 -14.44
C TRP B 31 1.27 10.42 -15.53
N TYR B 32 1.59 10.97 -16.70
CA TYR B 32 2.25 10.13 -17.70
C TYR B 32 3.57 9.59 -17.18
N ILE B 33 4.43 10.46 -16.62
CA ILE B 33 5.73 9.92 -16.22
C ILE B 33 5.59 9.08 -14.95
N TRP B 34 4.60 9.39 -14.10
CA TRP B 34 4.35 8.62 -12.89
C TRP B 34 3.96 7.18 -13.21
N THR B 35 3.12 6.98 -14.23
CA THR B 35 2.66 5.64 -14.58
C THR B 35 3.65 4.89 -15.45
N HIS B 36 4.60 5.57 -16.08
CA HIS B 36 5.63 4.91 -16.87
C HIS B 36 6.87 4.58 -16.05
N ASP B 37 6.91 4.96 -14.78
CA ASP B 37 8.09 4.75 -13.96
C ASP B 37 8.20 3.27 -13.58
N LEU B 38 9.28 2.64 -14.03
CA LEU B 38 9.45 1.21 -13.82
C LEU B 38 9.57 0.84 -12.35
N GLN B 39 10.16 1.71 -11.52
CA GLN B 39 10.28 1.38 -10.10
C GLN B 39 8.91 1.41 -9.41
N ASN B 40 8.08 2.43 -9.73
CA ASN B 40 6.69 2.44 -9.26
C ASN B 40 5.98 1.15 -9.64
N GLN B 41 6.18 0.69 -10.88
CA GLN B 41 5.50 -0.52 -11.36
C GLN B 41 5.98 -1.75 -10.61
N ALA B 42 7.31 -1.89 -10.42
CA ALA B 42 7.86 -3.01 -9.66
C ALA B 42 7.35 -3.04 -8.22
N ASN B 43 7.04 -1.88 -7.65
CA ASN B 43 6.53 -1.82 -6.28
C ASN B 43 5.02 -1.97 -6.20
N GLY B 44 4.33 -2.11 -7.34
CA GLY B 44 2.88 -2.17 -7.32
C GLY B 44 2.22 -0.85 -7.02
N VAL B 45 2.97 0.26 -7.12
CA VAL B 45 2.40 1.59 -6.85
C VAL B 45 1.44 1.99 -7.96
N VAL B 46 1.80 1.70 -9.21
CA VAL B 46 0.94 1.92 -10.37
C VAL B 46 0.96 0.62 -11.16
N SER B 47 -0.03 0.45 -12.03
CA SER B 47 -0.09 -0.72 -12.86
C SER B 47 0.87 -0.58 -14.05
N ARG B 48 1.01 -1.68 -14.80
CA ARG B 48 1.81 -1.71 -16.02
C ARG B 48 1.00 -1.36 -17.26
N ASP B 49 -0.27 -0.98 -17.11
CA ASP B 49 -1.07 -0.56 -18.26
C ASP B 49 -0.56 0.76 -18.82
N LEU B 50 -0.72 0.93 -20.13
CA LEU B 50 -0.29 2.13 -20.85
C LEU B 50 -1.50 3.00 -21.15
N VAL B 51 -1.49 4.22 -20.62
CA VAL B 51 -2.58 5.15 -20.94
C VAL B 51 -2.61 5.42 -22.45
N GLU B 52 -1.48 5.32 -23.14
CA GLU B 52 -1.43 5.59 -24.57
C GLU B 52 -1.98 4.45 -25.42
N GLU B 53 -2.45 3.35 -24.80
CA GLU B 53 -3.20 2.31 -25.48
C GLU B 53 -4.68 2.32 -25.09
N GLY B 54 -5.22 3.47 -24.74
CA GLY B 54 -6.58 3.58 -24.21
C GLY B 54 -7.67 3.75 -25.25
N ALA B 55 -8.76 4.41 -24.85
CA ALA B 55 -10.03 4.42 -25.56
C ALA B 55 -10.05 5.31 -26.79
N ASP B 56 -9.07 6.19 -26.95
CA ASP B 56 -8.94 7.03 -28.16
C ASP B 56 -10.11 8.01 -28.30
N TYR B 57 -10.49 8.66 -27.19
CA TYR B 57 -11.52 9.69 -27.28
C TYR B 57 -11.07 10.86 -28.15
N TRP B 58 -9.76 11.10 -28.21
CA TRP B 58 -9.22 12.20 -29.02
C TRP B 58 -9.71 12.17 -30.45
N ASN B 59 -9.79 10.98 -31.05
CA ASN B 59 -10.22 10.79 -32.43
C ASN B 59 -11.61 10.18 -32.55
N SER B 60 -12.05 9.43 -31.54
CA SER B 60 -13.32 8.72 -31.61
C SER B 60 -14.44 9.43 -30.86
N TYR B 61 -14.29 10.74 -30.58
CA TYR B 61 -15.27 11.44 -29.76
C TYR B 61 -16.68 11.37 -30.34
N ALA B 62 -16.82 11.37 -31.68
CA ALA B 62 -18.16 11.30 -32.26
C ALA B 62 -18.87 10.00 -31.85
N ARG B 63 -18.16 8.87 -31.90
CA ARG B 63 -18.75 7.60 -31.46
C ARG B 63 -19.19 7.68 -30.01
N VAL B 64 -18.36 8.28 -29.15
CA VAL B 64 -18.69 8.39 -27.73
C VAL B 64 -19.89 9.29 -27.52
N HIS B 65 -19.91 10.45 -28.18
CA HIS B 65 -21.06 11.35 -28.08
C HIS B 65 -22.33 10.68 -28.56
N GLU B 66 -22.24 9.85 -29.61
CA GLU B 66 -23.45 9.22 -30.14
C GLU B 66 -23.98 8.17 -29.17
N LEU B 67 -23.09 7.47 -28.46
CA LEU B 67 -23.55 6.57 -27.40
C LEU B 67 -24.44 7.33 -26.41
N CYS B 68 -24.05 8.57 -26.08
CA CYS B 68 -24.82 9.35 -25.12
C CYS B 68 -26.15 9.81 -25.70
N SER B 69 -26.12 10.39 -26.91
CA SER B 69 -27.34 10.99 -27.45
C SER B 69 -28.35 9.94 -27.89
N ARG B 70 -27.90 8.74 -28.28
CA ARG B 70 -28.87 7.72 -28.69
C ARG B 70 -29.75 7.25 -27.54
N ILE B 71 -29.25 7.34 -26.31
CA ILE B 71 -30.00 7.15 -25.05
C ILE B 71 -30.74 8.39 -24.55
N GLY B 72 -30.67 9.50 -25.25
CA GLY B 72 -31.38 10.68 -24.77
C GLY B 72 -30.68 11.43 -23.67
N MET B 73 -29.39 11.17 -23.42
CA MET B 73 -28.66 12.06 -22.52
C MET B 73 -28.62 13.45 -23.13
N ASN B 74 -28.53 14.45 -22.25
CA ASN B 74 -28.53 15.84 -22.71
C ASN B 74 -27.40 16.66 -22.08
N VAL B 75 -26.42 16.02 -21.45
CA VAL B 75 -25.25 16.73 -20.93
C VAL B 75 -24.05 15.79 -20.98
N ILE B 76 -22.88 16.37 -21.17
CA ILE B 76 -21.62 15.66 -20.98
C ILE B 76 -20.62 16.64 -20.37
N ARG B 77 -19.82 16.15 -19.44
CA ARG B 77 -18.73 16.93 -18.85
C ARG B 77 -17.43 16.35 -19.35
N ILE B 78 -16.58 17.19 -19.93
CA ILE B 78 -15.32 16.74 -20.48
C ILE B 78 -14.20 17.54 -19.84
N GLY B 79 -13.02 16.94 -19.76
CA GLY B 79 -11.84 17.62 -19.26
C GLY B 79 -10.99 18.12 -20.42
N ILE B 80 -10.38 19.29 -20.22
CA ILE B 80 -9.36 19.86 -21.11
C ILE B 80 -8.02 19.69 -20.41
N GLU B 81 -6.99 19.27 -21.15
CA GLU B 81 -5.66 19.07 -20.58
C GLU B 81 -4.84 20.34 -20.71
N TRP B 82 -4.53 20.95 -19.56
CA TRP B 82 -3.58 22.05 -19.48
C TRP B 82 -2.28 21.71 -20.21
N SER B 83 -1.80 20.47 -20.06
CA SER B 83 -0.53 20.03 -20.64
C SER B 83 -0.55 20.02 -22.17
N ARG B 84 -1.74 19.87 -22.79
CA ARG B 84 -1.84 19.96 -24.24
C ARG B 84 -1.97 21.41 -24.71
N ILE B 85 -2.76 22.21 -24.00
CA ILE B 85 -3.04 23.58 -24.43
C ILE B 85 -1.79 24.44 -24.30
N PHE B 86 -1.05 24.26 -23.20
CA PHE B 86 0.21 24.97 -22.94
C PHE B 86 1.30 23.93 -22.76
N PRO B 87 1.84 23.39 -23.86
CA PRO B 87 2.90 22.39 -23.74
C PRO B 87 4.18 22.94 -23.16
N ASN B 88 4.37 24.26 -23.15
CA ASN B 88 5.57 24.88 -22.63
C ASN B 88 5.24 25.86 -21.52
N PRO B 89 6.15 26.03 -20.56
CA PRO B 89 5.83 26.82 -19.36
C PRO B 89 5.49 28.28 -19.70
N THR B 90 4.53 28.82 -18.95
CA THR B 90 4.00 30.15 -19.17
C THR B 90 4.57 31.18 -18.20
N HIS B 91 5.43 30.78 -17.27
CA HIS B 91 5.95 31.73 -16.29
C HIS B 91 6.70 32.88 -16.96
N GLY B 92 6.47 34.08 -16.46
CA GLY B 92 7.11 35.26 -17.00
C GLY B 92 6.52 35.76 -18.31
N ILE B 93 5.48 35.12 -18.82
CA ILE B 93 4.83 35.55 -20.06
C ILE B 93 3.47 36.14 -19.70
N LYS B 94 3.37 37.46 -19.70
CA LYS B 94 2.08 38.11 -19.62
C LYS B 94 1.36 37.90 -20.95
N ASP B 95 0.15 37.36 -20.88
CA ASP B 95 -0.60 36.88 -22.05
C ASP B 95 0.13 35.75 -22.76
N PRO B 96 0.00 34.51 -22.31
CA PRO B 96 0.61 33.38 -23.01
C PRO B 96 -0.16 32.88 -24.21
N SER B 97 -1.18 33.60 -24.68
CA SER B 97 -1.94 33.13 -25.83
C SER B 97 -1.07 32.92 -27.07
N GLN B 98 0.08 33.60 -27.15
CA GLN B 98 0.98 33.43 -28.28
C GLN B 98 1.80 32.15 -28.21
N ILE B 99 1.79 31.44 -27.08
CA ILE B 99 2.47 30.16 -27.01
C ILE B 99 1.51 29.00 -26.73
N ALA B 100 0.21 29.26 -26.75
CA ALA B 100 -0.76 28.17 -26.69
C ALA B 100 -0.71 27.35 -27.96
N ASP B 101 -1.02 26.06 -27.84
CA ASP B 101 -1.08 25.19 -29.02
C ASP B 101 -2.47 25.33 -29.64
N MET B 102 -2.56 26.15 -30.69
CA MET B 102 -3.85 26.48 -31.30
C MET B 102 -4.44 25.29 -32.06
N LYS B 103 -3.61 24.37 -32.52
CA LYS B 103 -4.15 23.15 -33.13
C LYS B 103 -4.89 22.31 -32.08
N VAL B 104 -4.35 22.27 -30.86
CA VAL B 104 -5.04 21.61 -29.75
C VAL B 104 -6.33 22.35 -29.40
N VAL B 105 -6.27 23.68 -29.32
CA VAL B 105 -7.46 24.45 -28.98
C VAL B 105 -8.55 24.21 -30.02
N GLU B 106 -8.17 24.23 -31.30
CA GLU B 106 -9.14 24.00 -32.36
C GLU B 106 -9.71 22.59 -32.28
N HIS B 107 -8.88 21.61 -31.93
CA HIS B 107 -9.37 20.24 -31.81
C HIS B 107 -10.38 20.12 -30.67
N TYR B 108 -10.13 20.77 -29.53
CA TYR B 108 -11.12 20.73 -28.44
C TYR B 108 -12.41 21.42 -28.84
N LYS B 109 -12.32 22.51 -29.61
CA LYS B 109 -13.54 23.17 -30.09
C LYS B 109 -14.35 22.26 -31.00
N GLN B 110 -13.67 21.46 -31.83
CA GLN B 110 -14.35 20.45 -32.64
C GLN B 110 -15.03 19.39 -31.79
N ILE B 111 -14.35 18.91 -30.73
CA ILE B 111 -14.98 17.95 -29.83
C ILE B 111 -16.22 18.56 -29.20
N ILE B 112 -16.09 19.78 -28.68
CA ILE B 112 -17.22 20.46 -28.03
C ILE B 112 -18.37 20.64 -29.02
N GLU B 113 -18.06 21.11 -30.23
CA GLU B 113 -19.11 21.35 -31.21
C GLU B 113 -19.80 20.06 -31.63
N ASP B 114 -19.05 18.96 -31.72
CA ASP B 114 -19.70 17.69 -32.05
C ASP B 114 -20.72 17.30 -30.98
N ALA B 115 -20.34 17.39 -29.70
CA ALA B 115 -21.28 17.06 -28.63
C ALA B 115 -22.52 17.96 -28.70
N LYS B 116 -22.31 19.27 -28.86
CA LYS B 116 -23.45 20.21 -28.95
C LYS B 116 -24.38 19.84 -30.09
N SER B 117 -23.82 19.42 -31.23
CA SER B 117 -24.62 19.15 -32.42
C SER B 117 -25.48 17.90 -32.28
N ARG B 118 -25.25 17.10 -31.25
CA ARG B 118 -26.04 15.91 -30.99
C ARG B 118 -27.03 16.13 -29.85
N GLY B 119 -27.10 17.35 -29.33
CA GLY B 119 -28.05 17.68 -28.30
C GLY B 119 -27.52 17.60 -26.88
N LEU B 120 -26.20 17.55 -26.70
CA LEU B 120 -25.60 17.48 -25.37
C LEU B 120 -25.15 18.87 -24.96
N LYS B 121 -25.62 19.36 -23.83
CA LYS B 121 -24.95 20.49 -23.22
C LYS B 121 -23.56 20.07 -22.76
N VAL B 122 -22.61 21.00 -22.78
CA VAL B 122 -21.21 20.65 -22.52
C VAL B 122 -20.70 21.47 -21.33
N ILE B 123 -20.28 20.78 -20.29
CA ILE B 123 -19.52 21.36 -19.18
C ILE B 123 -18.06 21.04 -19.41
N VAL B 124 -17.21 22.07 -19.48
CA VAL B 124 -15.78 21.87 -19.65
C VAL B 124 -15.09 22.08 -18.32
N ASN B 125 -14.36 21.08 -17.87
CA ASN B 125 -13.63 21.13 -16.62
C ASN B 125 -12.15 21.39 -16.92
N LEU B 126 -11.58 22.44 -16.31
CA LEU B 126 -10.25 22.89 -16.71
C LEU B 126 -9.10 22.03 -16.17
N ASN B 127 -9.27 21.36 -15.03
CA ASN B 127 -8.16 20.57 -14.49
C ASN B 127 -8.71 19.31 -13.85
N HIS B 128 -8.12 18.16 -14.18
CA HIS B 128 -8.59 16.87 -13.66
C HIS B 128 -7.35 16.05 -13.30
N PHE B 129 -6.77 16.39 -12.14
CA PHE B 129 -5.61 15.72 -11.53
C PHE B 129 -4.32 16.06 -12.26
N THR B 130 -4.23 15.75 -13.56
CA THR B 130 -2.95 15.88 -14.23
C THR B 130 -2.52 17.34 -14.34
N LEU B 131 -1.21 17.55 -14.25
CA LEU B 131 -0.56 18.84 -14.38
C LEU B 131 0.51 18.74 -15.45
N PRO B 132 0.80 19.83 -16.15
CA PRO B 132 1.94 19.82 -17.07
C PRO B 132 3.23 19.41 -16.36
N LEU B 133 4.03 18.64 -17.08
CA LEU B 133 5.33 18.21 -16.58
C LEU B 133 6.25 19.38 -16.25
N TRP B 134 6.14 20.49 -16.98
CA TRP B 134 6.93 21.67 -16.66
C TRP B 134 6.51 22.30 -15.34
N LEU B 135 5.33 21.94 -14.85
CA LEU B 135 4.88 22.41 -13.54
C LEU B 135 5.12 21.39 -12.44
N HIS B 136 5.04 20.09 -12.75
CA HIS B 136 5.15 19.04 -11.74
C HIS B 136 5.87 17.84 -12.33
N ASP B 137 7.06 17.53 -11.82
CA ASP B 137 7.67 16.24 -12.10
C ASP B 137 7.65 15.44 -10.81
N PRO B 138 6.72 14.48 -10.65
CA PRO B 138 6.57 13.82 -9.35
C PRO B 138 7.67 12.81 -9.05
N ILE B 139 8.43 12.36 -10.06
CA ILE B 139 9.56 11.48 -9.79
C ILE B 139 10.73 12.27 -9.22
N ARG B 140 11.00 13.47 -9.76
CA ARG B 140 12.01 14.34 -9.15
C ARG B 140 11.63 14.68 -7.71
N VAL B 141 10.35 14.97 -7.46
CA VAL B 141 9.89 15.28 -6.10
C VAL B 141 10.07 14.07 -5.18
N SER B 142 9.56 12.91 -5.60
CA SER B 142 9.48 11.78 -4.66
C SER B 142 10.81 11.07 -4.46
N ARG B 143 11.57 10.84 -5.54
CA ARG B 143 12.77 10.03 -5.45
C ARG B 143 14.03 10.86 -5.25
N PHE B 144 14.04 12.13 -5.66
CA PHE B 144 15.27 12.92 -5.61
C PHE B 144 15.15 14.19 -4.79
N ASN B 145 14.09 14.32 -3.98
CA ASN B 145 13.87 15.49 -3.13
C ASN B 145 14.03 16.81 -3.89
N ASP B 146 13.64 16.81 -5.16
CA ASP B 146 13.84 17.96 -6.04
C ASP B 146 12.47 18.62 -6.23
N PHE B 147 12.28 19.79 -5.62
CA PHE B 147 11.01 20.48 -5.63
C PHE B 147 10.98 21.64 -6.62
N SER B 148 11.86 21.64 -7.64
CA SER B 148 11.88 22.76 -8.57
C SER B 148 10.62 22.80 -9.41
N ARG B 149 9.99 21.63 -9.65
CA ARG B 149 8.70 21.53 -10.35
C ARG B 149 7.80 20.70 -9.45
N SER B 150 7.12 21.34 -8.50
CA SER B 150 6.48 20.63 -7.41
C SER B 150 4.96 20.70 -7.45
N GLY B 151 4.36 21.04 -8.58
CA GLY B 151 2.92 20.98 -8.68
C GLY B 151 2.23 22.02 -7.82
N TRP B 152 1.18 21.58 -7.10
CA TRP B 152 0.43 22.50 -6.26
C TRP B 152 1.20 22.96 -5.03
N LEU B 153 2.38 22.37 -4.76
CA LEU B 153 3.27 22.92 -3.75
C LEU B 153 4.00 24.15 -4.24
N ASP B 154 4.11 24.31 -5.55
CA ASP B 154 4.91 25.34 -6.19
C ASP B 154 4.15 26.65 -6.04
N ASP B 155 4.73 27.61 -5.32
CA ASP B 155 4.20 28.96 -5.46
C ASP B 155 4.72 29.51 -6.78
N ARG B 156 3.79 29.67 -7.72
CA ARG B 156 3.93 29.69 -9.17
C ARG B 156 2.72 28.99 -9.79
N SER B 157 2.35 27.84 -9.21
CA SER B 157 1.22 27.08 -9.73
C SER B 157 -0.07 27.90 -9.73
N VAL B 158 -0.32 28.68 -8.68
CA VAL B 158 -1.54 29.48 -8.61
C VAL B 158 -1.59 30.49 -9.75
N HIS B 159 -0.49 31.22 -9.96
CA HIS B 159 -0.47 32.24 -11.00
C HIS B 159 -0.61 31.61 -12.39
N GLU B 160 0.09 30.50 -12.66
CA GLU B 160 0.00 29.94 -14.00
C GLU B 160 -1.37 29.30 -14.27
N PHE B 161 -2.01 28.74 -13.25
CA PHE B 161 -3.38 28.24 -13.43
C PHE B 161 -4.35 29.39 -13.72
N THR B 162 -4.18 30.53 -13.05
CA THR B 162 -5.01 31.69 -13.35
C THR B 162 -4.89 32.08 -14.82
N LYS B 163 -3.68 32.08 -15.36
CA LYS B 163 -3.47 32.43 -16.77
C LYS B 163 -4.15 31.43 -17.69
N PHE B 164 -4.02 30.15 -17.36
CA PHE B 164 -4.69 29.09 -18.13
C PHE B 164 -6.20 29.27 -18.08
N ALA B 165 -6.75 29.56 -16.91
CA ALA B 165 -8.19 29.76 -16.78
C ALA B 165 -8.67 30.95 -17.59
N THR B 166 -7.91 32.06 -17.55
CA THR B 166 -8.23 33.24 -18.36
C THR B 166 -8.28 32.87 -19.84
N PHE B 167 -7.27 32.15 -20.31
CA PHE B 167 -7.21 31.80 -21.72
C PHE B 167 -8.39 30.91 -22.12
N CYS B 168 -8.77 29.97 -21.24
CA CYS B 168 -9.88 29.08 -21.58
C CYS B 168 -11.21 29.83 -21.64
N ALA B 169 -11.44 30.73 -20.69
CA ALA B 169 -12.70 31.48 -20.68
C ALA B 169 -12.84 32.32 -21.93
N LYS B 170 -11.73 32.88 -22.43
CA LYS B 170 -11.78 33.65 -23.65
C LYS B 170 -11.92 32.76 -24.87
N SER B 171 -11.30 31.58 -24.84
CA SER B 171 -11.19 30.78 -26.06
C SER B 171 -12.42 29.93 -26.32
N PHE B 172 -12.98 29.30 -25.28
CA PHE B 172 -14.04 28.30 -25.45
C PHE B 172 -15.38 28.98 -25.20
N ASP B 173 -15.85 29.70 -26.20
CA ASP B 173 -17.05 30.51 -26.07
C ASP B 173 -18.32 29.77 -26.45
N ASP B 174 -18.24 28.49 -26.82
CA ASP B 174 -19.46 27.74 -27.10
C ASP B 174 -19.77 26.67 -26.04
N VAL B 175 -19.11 26.70 -24.88
CA VAL B 175 -19.49 25.75 -23.84
C VAL B 175 -20.74 26.25 -23.12
N ASP B 176 -21.38 25.35 -22.38
CA ASP B 176 -22.53 25.73 -21.57
C ASP B 176 -22.16 26.09 -20.15
N ALA B 177 -21.04 25.59 -19.65
CA ALA B 177 -20.60 25.88 -18.29
C ALA B 177 -19.16 25.44 -18.15
N PHE B 178 -18.48 25.98 -17.14
CA PHE B 178 -17.12 25.63 -16.81
C PHE B 178 -17.07 25.12 -15.37
N THR B 179 -16.14 24.20 -15.10
CA THR B 179 -15.65 24.03 -13.74
C THR B 179 -14.14 24.23 -13.74
N THR B 180 -13.63 24.77 -12.62
CA THR B 180 -12.20 25.02 -12.54
C THR B 180 -11.40 23.73 -12.36
N MET B 181 -11.87 22.86 -11.48
CA MET B 181 -11.08 21.68 -11.12
C MET B 181 -12.00 20.58 -10.61
N ASN B 182 -11.45 19.37 -10.56
CA ASN B 182 -12.17 18.15 -10.23
C ASN B 182 -11.50 17.50 -9.02
N GLU B 183 -12.25 17.37 -7.93
CA GLU B 183 -11.78 16.77 -6.67
C GLU B 183 -10.39 17.27 -6.26
N PRO B 184 -10.19 18.58 -6.12
CA PRO B 184 -8.89 19.05 -5.62
C PRO B 184 -8.53 18.46 -4.28
N ASN B 185 -9.52 18.11 -3.46
CA ASN B 185 -9.23 17.50 -2.17
C ASN B 185 -8.59 16.13 -2.34
N VAL B 186 -8.93 15.41 -3.41
CA VAL B 186 -8.30 14.12 -3.65
C VAL B 186 -6.86 14.29 -4.13
N VAL B 187 -6.61 15.26 -5.02
CA VAL B 187 -5.24 15.54 -5.45
C VAL B 187 -4.34 15.79 -4.24
N ALA B 188 -4.81 16.61 -3.30
CA ALA B 188 -4.00 16.97 -2.14
C ALA B 188 -3.85 15.80 -1.17
N LYS B 189 -4.96 15.17 -0.81
CA LYS B 189 -4.91 14.12 0.21
C LYS B 189 -4.13 12.91 -0.28
N LEU B 190 -4.46 12.42 -1.48
CA LEU B 190 -3.79 11.22 -1.95
C LEU B 190 -2.36 11.51 -2.40
N GLY B 191 -2.09 12.73 -2.87
CA GLY B 191 -0.73 13.06 -3.29
C GLY B 191 0.26 13.18 -2.14
N TYR B 192 -0.20 13.67 -0.98
CA TYR B 192 0.70 14.05 0.11
C TYR B 192 0.35 13.42 1.44
N PHE B 193 -0.72 12.64 1.53
CA PHE B 193 -1.16 12.04 2.78
C PHE B 193 -2.00 10.82 2.48
N GLY B 194 -1.63 10.08 1.45
CA GLY B 194 -2.31 8.87 1.04
C GLY B 194 -1.31 7.91 0.42
N ARG B 195 -0.32 7.53 1.23
CA ARG B 195 0.83 6.77 0.75
C ARG B 195 0.45 5.45 0.08
N LEU B 196 -0.61 4.80 0.57
CA LEU B 196 -1.02 3.54 -0.05
C LEU B 196 -1.90 3.73 -1.29
N SER B 197 -2.24 4.97 -1.67
CA SER B 197 -3.19 5.18 -2.75
C SER B 197 -2.55 5.16 -4.14
N GLY B 198 -1.24 5.36 -4.24
CA GLY B 198 -0.60 5.37 -5.56
C GLY B 198 -0.68 6.66 -6.33
N PHE B 199 -1.14 7.74 -5.73
CA PHE B 199 -1.23 9.02 -6.42
C PHE B 199 0.07 9.81 -6.29
N PRO B 200 0.48 10.55 -7.32
CA PRO B 200 1.75 11.29 -7.27
C PRO B 200 1.63 12.54 -6.43
N PRO B 201 2.74 12.98 -5.78
CA PRO B 201 4.05 12.32 -5.77
C PRO B 201 4.21 11.29 -4.65
N SER B 202 3.11 10.93 -3.98
CA SER B 202 3.15 9.96 -2.89
C SER B 202 4.12 10.36 -1.79
N LEU B 203 4.05 11.62 -1.39
CA LEU B 203 4.71 12.01 -0.16
C LEU B 203 3.80 11.67 1.01
N LEU B 204 4.36 11.77 2.22
CA LEU B 204 3.60 11.52 3.45
C LEU B 204 4.00 12.64 4.41
N ASN B 205 3.24 13.73 4.38
CA ASN B 205 3.61 14.93 5.13
C ASN B 205 2.36 15.79 5.24
N ILE B 206 1.79 15.85 6.44
CA ILE B 206 0.53 16.56 6.64
C ILE B 206 0.66 18.04 6.29
N ASP B 207 1.86 18.61 6.43
CA ASP B 207 2.05 20.03 6.10
C ASP B 207 1.99 20.26 4.60
N LEU B 208 2.42 19.29 3.79
CA LEU B 208 2.32 19.44 2.34
C LEU B 208 0.92 19.14 1.84
N TYR B 209 0.22 18.21 2.49
CA TYR B 209 -1.22 18.06 2.31
C TYR B 209 -1.93 19.40 2.50
N GLU B 210 -1.67 20.06 3.64
CA GLU B 210 -2.28 21.37 3.91
C GLU B 210 -1.92 22.39 2.83
N LYS B 211 -0.65 22.43 2.44
CA LYS B 211 -0.21 23.40 1.44
C LYS B 211 -0.86 23.16 0.08
N ALA B 212 -0.99 21.89 -0.32
CA ALA B 212 -1.64 21.57 -1.60
C ALA B 212 -3.13 21.93 -1.59
N LEU B 213 -3.80 21.72 -0.45
CA LEU B 213 -5.19 22.18 -0.34
C LEU B 213 -5.29 23.69 -0.51
N ASP B 214 -4.47 24.42 0.25
CA ASP B 214 -4.54 25.88 0.26
C ASP B 214 -4.22 26.47 -1.11
N ASN B 215 -3.22 25.92 -1.80
CA ASN B 215 -2.87 26.47 -3.11
C ASN B 215 -3.95 26.19 -4.14
N GLN B 216 -4.60 25.03 -4.05
CA GLN B 216 -5.71 24.77 -4.97
C GLN B 216 -6.91 25.67 -4.66
N ILE B 217 -7.11 26.03 -3.38
CA ILE B 217 -8.15 26.99 -3.02
C ILE B 217 -7.86 28.35 -3.64
N LEU B 218 -6.63 28.85 -3.42
CA LEU B 218 -6.19 30.09 -4.05
C LEU B 218 -6.36 30.03 -5.56
N ALA B 219 -5.95 28.91 -6.17
CA ALA B 219 -6.04 28.79 -7.62
C ALA B 219 -7.49 28.83 -8.09
N HIS B 220 -8.38 28.15 -7.38
CA HIS B 220 -9.79 28.20 -7.79
C HIS B 220 -10.35 29.61 -7.67
N ASN B 221 -10.16 30.24 -6.51
CA ASN B 221 -10.78 31.55 -6.27
C ASN B 221 -10.27 32.59 -7.27
N LYS B 222 -8.96 32.58 -7.52
CA LYS B 222 -8.38 33.47 -8.54
C LYS B 222 -8.91 33.16 -9.93
N ALA B 223 -9.00 31.87 -10.27
CA ALA B 223 -9.47 31.50 -11.60
C ALA B 223 -10.89 31.94 -11.80
N TYR B 224 -11.74 31.75 -10.80
CA TYR B 224 -13.14 32.17 -10.92
C TYR B 224 -13.23 33.67 -11.22
N GLU B 225 -12.52 34.48 -10.43
CA GLU B 225 -12.55 35.94 -10.63
C GLU B 225 -12.11 36.33 -12.03
N THR B 226 -11.02 35.75 -12.53
CA THR B 226 -10.60 36.13 -13.87
C THR B 226 -11.55 35.61 -14.94
N MET B 227 -12.06 34.39 -14.76
CA MET B 227 -12.91 33.80 -15.78
C MET B 227 -14.20 34.58 -15.93
N LYS B 228 -14.78 35.04 -14.81
CA LYS B 228 -16.05 35.75 -14.88
C LYS B 228 -15.95 37.10 -15.57
N GLN B 229 -14.74 37.65 -15.73
CA GLN B 229 -14.59 38.84 -16.56
C GLN B 229 -14.82 38.55 -18.03
N PHE B 230 -14.65 37.31 -18.48
CA PHE B 230 -14.63 37.04 -19.90
C PHE B 230 -15.73 36.08 -20.34
N THR B 231 -16.52 35.55 -19.42
CA THR B 231 -17.62 34.68 -19.81
C THR B 231 -18.81 34.95 -18.92
N ASN B 232 -20.00 34.80 -19.50
CA ASN B 232 -21.25 34.85 -18.76
C ASN B 232 -21.76 33.47 -18.38
N LYS B 233 -21.09 32.41 -18.82
CA LYS B 233 -21.53 31.07 -18.48
C LYS B 233 -21.23 30.75 -17.01
N PRO B 234 -21.97 29.84 -16.41
CA PRO B 234 -21.71 29.47 -15.01
C PRO B 234 -20.32 28.87 -14.88
N VAL B 235 -19.64 29.21 -13.79
CA VAL B 235 -18.34 28.62 -13.45
C VAL B 235 -18.48 28.02 -12.05
N GLY B 236 -18.28 26.70 -11.96
CA GLY B 236 -18.39 26.02 -10.69
C GLY B 236 -17.14 25.24 -10.32
N ILE B 237 -17.27 24.32 -9.37
CA ILE B 237 -16.20 23.41 -8.99
C ILE B 237 -16.83 22.03 -8.79
N ILE B 238 -15.99 21.00 -8.92
CA ILE B 238 -16.40 19.62 -8.73
C ILE B 238 -15.61 19.05 -7.55
N TYR B 239 -16.32 18.50 -6.57
CA TYR B 239 -15.70 18.15 -5.29
C TYR B 239 -16.02 16.71 -4.91
N ALA B 240 -15.02 15.98 -4.41
CA ALA B 240 -15.23 14.63 -3.89
C ALA B 240 -15.81 14.73 -2.47
N THR B 241 -17.13 14.66 -2.37
CA THR B 241 -17.82 14.82 -1.09
C THR B 241 -17.88 13.49 -0.37
N SER B 242 -17.22 13.39 0.77
CA SER B 242 -17.31 12.22 1.62
C SER B 242 -18.63 12.26 2.41
N TRP B 243 -19.13 11.07 2.75
CA TRP B 243 -20.22 10.94 3.71
C TRP B 243 -19.72 10.07 4.85
N CYS B 244 -19.41 10.67 5.99
CA CYS B 244 -18.80 9.96 7.10
C CYS B 244 -19.86 9.63 8.14
N GLU B 245 -19.91 8.37 8.55
CA GLU B 245 -20.71 7.91 9.67
C GLU B 245 -19.77 7.31 10.72
N GLY B 246 -20.33 7.00 11.88
CA GLY B 246 -19.53 6.42 12.96
C GLY B 246 -19.78 7.11 14.28
N ASP B 247 -18.75 7.20 15.12
CA ASP B 247 -18.93 7.87 16.41
C ASP B 247 -18.91 9.39 16.20
N ASP B 248 -18.88 10.13 17.30
CA ASP B 248 -18.91 11.58 17.27
C ASP B 248 -17.71 12.21 16.56
N ALA B 249 -16.67 11.45 16.24
CA ALA B 249 -15.60 12.02 15.40
C ALA B 249 -16.03 12.22 13.95
N ARG B 250 -17.24 11.82 13.56
CA ARG B 250 -17.64 11.97 12.17
C ARG B 250 -17.71 13.45 11.77
N ASN B 251 -18.03 14.34 12.71
CA ASN B 251 -18.13 15.76 12.40
C ASN B 251 -16.75 16.35 12.12
N ASP B 252 -15.74 15.96 12.90
CA ASP B 252 -14.37 16.40 12.61
C ASP B 252 -13.90 15.85 11.27
N ALA B 253 -14.22 14.59 10.97
CA ALA B 253 -13.80 14.04 9.69
C ALA B 253 -14.47 14.78 8.53
N MET B 254 -15.76 15.07 8.65
CA MET B 254 -16.46 15.80 7.58
C MET B 254 -15.86 17.19 7.38
N GLU B 255 -15.44 17.84 8.46
CA GLU B 255 -14.82 19.16 8.37
C GLU B 255 -13.57 19.13 7.50
N LEU B 256 -12.69 18.14 7.73
CA LEU B 256 -11.46 18.07 6.93
C LEU B 256 -11.73 17.52 5.54
N GLU B 257 -12.61 16.52 5.43
CA GLU B 257 -12.86 15.91 4.13
C GLU B 257 -13.60 16.86 3.19
N ASN B 258 -14.58 17.62 3.71
CA ASN B 258 -15.50 18.40 2.86
C ASN B 258 -15.43 19.90 3.11
N TRP B 259 -15.67 20.37 4.33
CA TRP B 259 -16.03 21.77 4.53
C TRP B 259 -14.82 22.68 4.63
N TYR B 260 -13.67 22.17 5.08
CA TYR B 260 -12.44 22.98 5.11
C TYR B 260 -12.23 23.65 3.75
N PHE B 261 -12.24 22.84 2.69
CA PHE B 261 -12.06 23.38 1.35
C PHE B 261 -13.31 24.13 0.88
N LEU B 262 -14.49 23.50 0.99
CA LEU B 262 -15.67 24.07 0.35
C LEU B 262 -16.07 25.41 0.98
N ASP B 263 -15.94 25.55 2.31
CA ASP B 263 -16.18 26.84 2.96
C ASP B 263 -15.35 27.95 2.31
N ARG B 264 -14.16 27.62 1.84
CA ARG B 264 -13.26 28.68 1.33
C ARG B 264 -13.42 28.96 -0.17
N VAL B 265 -14.32 28.25 -0.86
CA VAL B 265 -14.56 28.52 -2.31
C VAL B 265 -16.06 28.78 -2.59
N ILE B 266 -16.94 28.50 -1.64
CA ILE B 266 -18.42 28.62 -1.84
C ILE B 266 -18.80 29.99 -2.43
N ASP B 267 -18.15 31.07 -1.98
CA ASP B 267 -18.57 32.41 -2.46
C ASP B 267 -18.03 32.68 -3.87
N ARG B 268 -17.24 31.74 -4.40
CA ARG B 268 -16.70 31.88 -5.78
C ARG B 268 -17.06 30.68 -6.66
N ILE B 269 -18.29 30.18 -6.56
CA ILE B 269 -18.77 29.18 -7.50
C ILE B 269 -20.23 29.50 -7.85
N ASP B 270 -20.61 29.20 -9.07
CA ASP B 270 -21.99 29.36 -9.49
C ASP B 270 -22.82 28.09 -9.26
N PHE B 271 -22.16 26.96 -9.03
CA PHE B 271 -22.82 25.69 -8.74
C PHE B 271 -21.77 24.77 -8.15
N LEU B 272 -22.23 23.78 -7.40
CA LEU B 272 -21.35 22.79 -6.79
C LEU B 272 -21.62 21.42 -7.41
N GLY B 273 -20.58 20.83 -8.00
CA GLY B 273 -20.65 19.47 -8.49
C GLY B 273 -20.24 18.49 -7.42
N VAL B 274 -21.16 17.61 -7.06
CA VAL B 274 -20.96 16.61 -6.00
C VAL B 274 -20.56 15.29 -6.66
N ASN B 275 -19.36 14.81 -6.35
CA ASN B 275 -18.89 13.48 -6.76
C ASN B 275 -19.06 12.53 -5.58
N TYR B 276 -19.86 11.48 -5.75
CA TYR B 276 -20.15 10.56 -4.65
C TYR B 276 -20.11 9.12 -5.14
N TYR B 277 -19.38 8.27 -4.41
CA TYR B 277 -19.29 6.84 -4.72
C TYR B 277 -19.74 5.93 -3.58
N THR B 278 -19.34 6.22 -2.34
CA THR B 278 -19.66 5.34 -1.22
C THR B 278 -19.46 6.14 0.07
N ARG B 279 -19.79 5.52 1.20
CA ARG B 279 -19.65 6.17 2.50
C ARG B 279 -18.29 5.84 3.12
N ALA B 280 -18.06 6.35 4.33
CA ALA B 280 -16.90 6.00 5.14
C ALA B 280 -17.31 5.94 6.59
N ILE B 281 -16.72 5.01 7.35
CA ILE B 281 -17.02 4.82 8.76
C ILE B 281 -15.77 5.23 9.54
N VAL B 282 -15.94 6.10 10.53
CA VAL B 282 -14.79 6.61 11.28
C VAL B 282 -14.98 6.29 12.76
N LYS B 283 -13.85 6.29 13.46
CA LYS B 283 -13.85 6.11 14.93
C LYS B 283 -12.77 7.02 15.51
N ARG B 284 -13.05 7.60 16.66
CA ARG B 284 -12.08 8.48 17.33
C ARG B 284 -10.77 7.73 17.59
N THR B 285 -9.65 8.41 17.46
CA THR B 285 -8.33 7.82 17.77
C THR B 285 -7.92 8.31 19.16
N PRO B 286 -6.99 7.65 19.88
CA PRO B 286 -6.57 8.18 21.19
C PRO B 286 -5.80 9.48 21.10
N SER B 287 -5.06 9.71 20.02
CA SER B 287 -4.18 10.86 19.88
C SER B 287 -4.73 11.82 18.84
N VAL B 288 -4.28 13.08 18.93
CA VAL B 288 -4.60 14.10 17.94
C VAL B 288 -3.35 14.39 17.13
N LEU B 289 -3.45 14.30 15.82
CA LEU B 289 -2.39 14.68 14.90
C LEU B 289 -2.65 16.10 14.39
N SER B 290 -1.68 16.99 14.58
CA SER B 290 -1.81 18.38 14.15
C SER B 290 -0.76 18.71 13.11
N SER B 291 -1.16 19.47 12.08
CA SER B 291 -0.15 20.07 11.23
C SER B 291 0.65 21.11 12.00
N SER B 292 1.79 21.52 11.44
CA SER B 292 2.63 22.51 12.10
C SER B 292 1.89 23.82 12.32
N SER B 293 1.10 24.25 11.34
CA SER B 293 0.27 25.47 11.43
C SER B 293 -0.84 25.33 12.47
N GLY B 294 -1.34 24.11 12.67
CA GLY B 294 -2.48 23.88 13.58
C GLY B 294 -3.79 23.92 12.82
N ARG B 295 -3.76 24.23 11.53
CA ARG B 295 -5.01 24.41 10.75
C ARG B 295 -5.65 23.05 10.43
N ILE B 296 -4.84 22.00 10.36
CA ILE B 296 -5.37 20.63 10.12
C ILE B 296 -5.17 19.79 11.38
N LYS B 297 -6.25 19.22 11.88
CA LYS B 297 -6.21 18.36 13.06
C LYS B 297 -6.94 17.07 12.72
N ILE B 298 -6.29 15.94 12.97
CA ILE B 298 -6.86 14.63 12.66
C ILE B 298 -6.93 13.82 13.94
N ASN B 299 -8.13 13.39 14.30
CA ASN B 299 -8.34 12.60 15.50
C ASN B 299 -9.31 11.45 15.24
N TRP B 300 -9.31 10.92 14.03
CA TRP B 300 -10.16 9.79 13.67
C TRP B 300 -9.37 8.85 12.78
N SER B 301 -9.85 7.61 12.69
CA SER B 301 -9.38 6.65 11.70
C SER B 301 -10.58 6.13 10.91
N PHE B 302 -10.30 5.56 9.74
CA PHE B 302 -11.34 4.95 8.93
C PHE B 302 -11.44 3.46 9.24
N VAL B 303 -12.66 2.98 9.47
CA VAL B 303 -12.91 1.59 9.88
C VAL B 303 -12.97 0.68 8.66
N PRO B 304 -12.15 -0.37 8.59
CA PRO B 304 -12.19 -1.28 7.43
C PRO B 304 -13.44 -2.15 7.43
N GLY B 305 -13.82 -2.59 6.24
CA GLY B 305 -15.02 -3.40 6.07
C GLY B 305 -16.27 -2.65 5.66
N PHE B 306 -16.18 -1.32 5.48
CA PHE B 306 -17.29 -0.49 5.05
C PHE B 306 -16.79 0.49 3.99
N GLY B 307 -17.73 1.07 3.25
CA GLY B 307 -17.39 2.13 2.31
C GLY B 307 -16.30 1.71 1.33
N GLY B 308 -15.25 2.52 1.25
CA GLY B 308 -14.16 2.28 0.31
C GLY B 308 -13.21 1.17 0.71
N SER B 309 -13.40 0.56 1.87
CA SER B 309 -12.44 -0.38 2.45
C SER B 309 -13.04 -1.77 2.62
N CYS B 310 -13.79 -2.25 1.63
CA CYS B 310 -14.30 -3.61 1.67
C CYS B 310 -13.43 -4.51 0.80
N GLN B 311 -13.61 -5.82 0.97
CA GLN B 311 -13.04 -6.76 0.03
C GLN B 311 -13.77 -6.65 -1.31
N ARG B 312 -13.03 -6.96 -2.38
CA ARG B 312 -13.58 -6.89 -3.73
C ARG B 312 -14.66 -7.95 -3.94
N ASN B 313 -15.73 -7.58 -4.64
CA ASN B 313 -16.75 -8.52 -5.10
C ASN B 313 -17.31 -9.32 -3.93
N SER B 314 -17.62 -8.62 -2.86
CA SER B 314 -17.99 -9.29 -1.62
C SER B 314 -19.15 -8.54 -0.99
N LYS B 315 -19.15 -8.48 0.35
CA LYS B 315 -20.14 -7.73 1.09
C LYS B 315 -19.41 -6.95 2.18
N SER B 316 -19.95 -5.78 2.53
CA SER B 316 -19.46 -5.05 3.68
C SER B 316 -19.88 -5.76 4.97
N LEU B 317 -19.36 -5.27 6.09
CA LEU B 317 -19.80 -5.79 7.39
C LEU B 317 -21.25 -5.45 7.69
N ASP B 318 -21.88 -4.57 6.90
CA ASP B 318 -23.31 -4.33 6.99
C ASP B 318 -24.13 -5.16 6.00
N GLY B 319 -23.51 -6.12 5.32
CA GLY B 319 -24.21 -6.96 4.37
C GLY B 319 -24.51 -6.32 3.03
N ARG B 320 -23.94 -5.12 2.74
CA ARG B 320 -24.26 -4.53 1.44
C ARG B 320 -23.20 -4.94 0.41
N PRO B 321 -23.56 -5.04 -0.87
CA PRO B 321 -22.59 -5.50 -1.87
C PRO B 321 -21.43 -4.52 -2.04
N SER B 322 -20.26 -5.08 -2.36
CA SER B 322 -19.07 -4.33 -2.72
C SER B 322 -18.63 -4.75 -4.12
N THR B 323 -18.07 -3.80 -4.88
CA THR B 323 -17.91 -3.93 -6.32
C THR B 323 -16.51 -4.46 -6.68
N ASP B 324 -16.10 -4.30 -7.96
CA ASP B 324 -14.81 -4.82 -8.39
C ASP B 324 -13.64 -4.16 -7.67
N ASN B 325 -13.79 -2.91 -7.19
CA ASN B 325 -12.71 -2.28 -6.43
C ASN B 325 -13.00 -2.22 -4.93
N GLY B 326 -13.96 -3.01 -4.45
CA GLY B 326 -14.18 -3.08 -3.01
C GLY B 326 -14.95 -1.91 -2.41
N TRP B 327 -15.71 -1.17 -3.21
CA TRP B 327 -16.47 -0.04 -2.70
C TRP B 327 -17.91 -0.46 -2.43
N GLU B 328 -18.36 -0.21 -1.21
CA GLU B 328 -19.73 -0.54 -0.79
C GLU B 328 -20.77 0.26 -1.57
N ILE B 329 -21.85 -0.40 -1.95
CA ILE B 329 -23.01 0.28 -2.53
C ILE B 329 -23.86 0.85 -1.39
N TYR B 330 -23.90 2.18 -1.27
CA TYR B 330 -24.57 2.85 -0.15
C TYR B 330 -25.30 4.06 -0.68
N PRO B 331 -26.42 3.85 -1.39
CA PRO B 331 -27.02 4.98 -2.13
C PRO B 331 -27.63 6.04 -1.22
N GLU B 332 -28.11 5.67 -0.03
CA GLU B 332 -28.62 6.67 0.90
C GLU B 332 -27.59 7.77 1.19
N GLY B 333 -26.29 7.42 1.15
CA GLY B 333 -25.26 8.42 1.39
C GLY B 333 -25.28 9.57 0.40
N LEU B 334 -25.72 9.31 -0.85
CA LEU B 334 -25.81 10.40 -1.81
C LEU B 334 -26.84 11.42 -1.36
N GLY B 335 -27.99 10.96 -0.86
CA GLY B 335 -28.98 11.88 -0.35
C GLY B 335 -28.51 12.60 0.89
N TYR B 336 -27.82 11.89 1.79
CA TYR B 336 -27.29 12.54 2.98
C TYR B 336 -26.29 13.63 2.63
N VAL B 337 -25.40 13.36 1.66
CA VAL B 337 -24.41 14.35 1.24
C VAL B 337 -25.09 15.56 0.63
N LEU B 338 -26.05 15.33 -0.27
CA LEU B 338 -26.69 16.44 -0.96
C LEU B 338 -27.47 17.30 0.04
N ARG B 339 -28.17 16.66 0.98
CA ARG B 339 -28.94 17.41 1.96
C ARG B 339 -28.02 18.21 2.87
N SER B 340 -26.85 17.67 3.21
CA SER B 340 -25.95 18.45 4.04
C SER B 340 -25.35 19.64 3.26
N CYS B 341 -25.07 19.47 1.96
CA CYS B 341 -24.67 20.63 1.15
C CYS B 341 -25.81 21.65 1.05
N ARG B 342 -27.03 21.17 0.82
CA ARG B 342 -28.18 22.08 0.81
C ARG B 342 -28.27 22.86 2.11
N ASP B 343 -28.09 22.18 3.25
CA ASP B 343 -28.23 22.84 4.53
C ASP B 343 -27.11 23.85 4.78
N ARG B 344 -25.89 23.50 4.37
CA ARG B 344 -24.74 24.34 4.69
C ARG B 344 -24.62 25.52 3.74
N TYR B 345 -25.01 25.36 2.48
CA TYR B 345 -24.74 26.35 1.45
C TYR B 345 -26.01 26.66 0.69
N LYS B 346 -26.07 27.85 0.13
CA LYS B 346 -27.20 28.25 -0.72
C LYS B 346 -26.66 28.23 -2.14
N LYS B 347 -26.75 27.07 -2.79
CA LYS B 347 -26.00 26.90 -4.02
C LYS B 347 -26.62 25.80 -4.87
N PRO B 348 -26.83 26.04 -6.17
CA PRO B 348 -27.35 24.99 -7.04
C PRO B 348 -26.41 23.78 -7.04
N LEU B 349 -27.00 22.58 -7.08
CA LEU B 349 -26.24 21.35 -6.97
C LEU B 349 -26.39 20.52 -8.24
N TYR B 350 -25.30 19.83 -8.60
CA TYR B 350 -25.32 18.75 -9.59
C TYR B 350 -24.62 17.54 -8.99
N VAL B 351 -25.13 16.36 -9.30
CA VAL B 351 -24.32 15.15 -9.12
C VAL B 351 -23.44 15.03 -10.35
N THR B 352 -22.13 15.29 -10.18
CA THR B 352 -21.25 15.29 -11.34
C THR B 352 -20.51 13.98 -11.53
N GLU B 353 -20.48 13.09 -10.53
CA GLU B 353 -20.01 11.73 -10.72
C GLU B 353 -20.72 10.78 -9.74
N ASN B 354 -21.01 9.59 -10.24
CA ASN B 354 -21.52 8.47 -9.46
C ASN B 354 -21.38 7.25 -10.35
N GLY B 355 -20.86 6.14 -9.83
CA GLY B 355 -20.72 4.96 -10.65
C GLY B 355 -20.07 3.83 -9.87
N VAL B 356 -19.77 2.74 -10.58
CA VAL B 356 -19.19 1.56 -9.96
C VAL B 356 -18.17 0.92 -10.89
N ALA B 357 -17.17 0.30 -10.28
CA ALA B 357 -16.25 -0.58 -11.00
C ALA B 357 -16.88 -1.96 -11.13
N ASP B 358 -17.12 -2.40 -12.35
CA ASP B 358 -18.04 -3.53 -12.55
C ASP B 358 -18.01 -3.98 -14.00
N ASP B 359 -17.11 -4.92 -14.34
CA ASP B 359 -16.97 -5.33 -15.73
C ASP B 359 -18.16 -6.19 -16.19
N ARG B 360 -18.66 -7.05 -15.31
CA ARG B 360 -19.74 -7.96 -15.67
C ARG B 360 -21.11 -7.31 -15.68
N ASP B 361 -21.24 -6.07 -15.18
CA ASP B 361 -22.50 -5.34 -15.08
C ASP B 361 -23.44 -5.99 -14.06
N ILE B 362 -22.89 -6.61 -13.02
CA ILE B 362 -23.74 -7.24 -12.02
C ILE B 362 -24.13 -6.28 -10.89
N TYR B 363 -23.48 -5.12 -10.79
CA TYR B 363 -23.78 -4.12 -9.76
C TYR B 363 -24.35 -2.83 -10.32
N ARG B 364 -23.96 -2.45 -11.54
CA ARG B 364 -24.32 -1.14 -12.06
C ARG B 364 -25.82 -0.95 -12.26
N PRO B 365 -26.59 -1.90 -12.81
CA PRO B 365 -28.06 -1.67 -12.90
C PRO B 365 -28.68 -1.34 -11.56
N TYR B 366 -28.35 -2.13 -10.53
CA TYR B 366 -28.87 -1.87 -9.21
C TYR B 366 -28.40 -0.52 -8.68
N SER B 367 -27.10 -0.25 -8.80
CA SER B 367 -26.55 0.98 -8.23
C SER B 367 -27.08 2.21 -8.97
N LEU B 368 -27.12 2.16 -10.30
CA LEU B 368 -27.68 3.28 -11.06
C LEU B 368 -29.12 3.58 -10.63
N LEU B 369 -29.98 2.55 -10.61
CA LEU B 369 -31.38 2.78 -10.27
C LEU B 369 -31.52 3.28 -8.84
N ALA B 370 -30.80 2.67 -7.90
CA ALA B 370 -30.94 3.06 -6.49
C ALA B 370 -30.48 4.50 -6.26
N HIS B 371 -29.39 4.92 -6.92
CA HIS B 371 -28.93 6.29 -6.70
C HIS B 371 -29.87 7.29 -7.37
N LEU B 372 -30.40 6.94 -8.56
CA LEU B 372 -31.37 7.82 -9.21
C LEU B 372 -32.67 7.92 -8.42
N LYS B 373 -33.04 6.85 -7.71
CA LYS B 373 -34.19 6.96 -6.82
C LYS B 373 -33.92 7.97 -5.69
N ILE B 374 -32.69 7.96 -5.15
CA ILE B 374 -32.32 8.93 -4.13
C ILE B 374 -32.36 10.35 -4.68
N VAL B 375 -31.82 10.56 -5.88
CA VAL B 375 -31.92 11.86 -6.55
C VAL B 375 -33.38 12.30 -6.67
N GLU B 376 -34.25 11.38 -7.10
CA GLU B 376 -35.66 11.73 -7.25
C GLU B 376 -36.28 12.07 -5.89
N ASP B 377 -35.86 11.39 -4.81
CA ASP B 377 -36.33 11.77 -3.48
C ASP B 377 -35.94 13.21 -3.15
N CYS B 378 -34.71 13.60 -3.49
CA CYS B 378 -34.25 14.96 -3.22
C CYS B 378 -35.03 15.98 -4.03
N LEU B 379 -35.38 15.62 -5.27
CA LEU B 379 -36.18 16.52 -6.09
C LEU B 379 -37.58 16.73 -5.49
N LYS B 380 -38.14 15.67 -4.89
CA LYS B 380 -39.45 15.80 -4.24
C LYS B 380 -39.39 16.68 -3.00
N GLU B 381 -38.22 16.78 -2.38
CA GLU B 381 -37.99 17.70 -1.27
C GLU B 381 -37.75 19.12 -1.76
N ASN B 382 -37.90 19.36 -3.07
CA ASN B 382 -37.69 20.65 -3.71
C ASN B 382 -36.24 21.13 -3.61
N MET B 383 -35.27 20.22 -3.61
CA MET B 383 -33.92 20.73 -3.54
C MET B 383 -33.48 21.17 -4.92
N ASP B 384 -32.67 22.23 -4.95
CA ASP B 384 -32.16 22.81 -6.19
C ASP B 384 -31.05 21.92 -6.74
N LEU B 385 -31.48 20.75 -7.24
CA LEU B 385 -30.60 19.74 -7.83
C LEU B 385 -30.90 19.69 -9.32
N ARG B 386 -29.90 19.94 -10.16
CA ARG B 386 -30.13 20.26 -11.56
C ARG B 386 -29.63 19.20 -12.54
N GLY B 387 -28.98 18.14 -12.08
CA GLY B 387 -28.53 17.13 -13.02
C GLY B 387 -27.83 15.99 -12.31
N TYR B 388 -27.66 14.90 -13.07
CA TYR B 388 -26.97 13.71 -12.61
C TYR B 388 -26.10 13.22 -13.75
N MET B 389 -24.80 13.10 -13.49
CA MET B 389 -23.85 12.59 -14.47
C MET B 389 -23.18 11.34 -13.91
N HIS B 390 -23.28 10.25 -14.67
CA HIS B 390 -22.72 8.97 -14.29
C HIS B 390 -21.24 8.89 -14.68
N TRP B 391 -20.43 8.27 -13.81
CA TRP B 391 -19.03 7.95 -14.15
C TRP B 391 -18.97 6.46 -14.47
N SER B 392 -18.91 6.09 -15.76
CA SER B 392 -18.80 7.00 -16.90
C SER B 392 -19.52 6.36 -18.09
N ILE B 393 -19.44 6.98 -19.27
CA ILE B 393 -20.04 6.36 -20.45
C ILE B 393 -19.25 5.12 -20.87
N ILE B 394 -17.91 5.18 -20.81
CA ILE B 394 -17.09 4.06 -21.27
C ILE B 394 -16.02 3.74 -20.22
N ASP B 395 -15.58 2.48 -20.23
CA ASP B 395 -14.39 2.07 -19.49
C ASP B 395 -13.21 2.96 -19.85
N ASN B 396 -12.33 3.21 -18.88
CA ASN B 396 -11.22 4.15 -19.07
C ASN B 396 -10.06 3.78 -18.14
N PHE B 397 -9.03 4.63 -18.12
CA PHE B 397 -7.81 4.37 -17.36
C PHE B 397 -8.02 4.83 -15.92
N GLU B 398 -8.13 3.88 -14.99
CA GLU B 398 -8.53 4.23 -13.62
C GLU B 398 -7.28 4.48 -12.75
N TRP B 399 -6.60 5.59 -13.07
CA TRP B 399 -5.45 6.12 -12.32
C TRP B 399 -4.47 4.97 -11.93
N PRO B 400 -4.13 4.65 -10.67
CA PRO B 400 -3.07 3.63 -10.48
C PRO B 400 -3.52 2.19 -10.74
N MET B 401 -4.82 1.94 -10.89
CA MET B 401 -5.32 0.61 -11.27
C MET B 401 -5.28 0.32 -12.77
N GLY B 402 -5.02 1.32 -13.61
CA GLY B 402 -5.04 1.08 -15.05
C GLY B 402 -6.43 0.69 -15.54
N TYR B 403 -6.48 -0.21 -16.50
CA TYR B 403 -7.77 -0.59 -17.11
C TYR B 403 -8.52 -1.65 -16.31
N SER B 404 -7.97 -2.13 -15.20
CA SER B 404 -8.53 -3.29 -14.50
C SER B 404 -9.86 -2.96 -13.85
N MET B 405 -10.12 -1.68 -13.54
CA MET B 405 -11.40 -1.24 -12.96
C MET B 405 -12.20 -0.53 -14.04
N ARG B 406 -13.33 -1.14 -14.41
CA ARG B 406 -14.13 -0.74 -15.56
C ARG B 406 -15.41 -0.08 -15.10
N PHE B 407 -15.50 1.25 -15.23
CA PHE B 407 -16.63 2.03 -14.72
C PHE B 407 -17.68 2.35 -15.79
N GLY B 408 -17.55 1.85 -17.01
CA GLY B 408 -18.41 2.32 -18.10
C GLY B 408 -19.79 1.68 -18.09
N LEU B 409 -20.79 2.48 -18.48
CA LEU B 409 -22.04 1.92 -18.99
C LEU B 409 -21.80 1.11 -20.26
N VAL B 410 -20.68 1.36 -20.93
CA VAL B 410 -20.32 0.74 -22.20
C VAL B 410 -18.94 0.12 -22.04
N ARG B 411 -18.81 -1.17 -22.38
CA ARG B 411 -17.53 -1.85 -22.31
C ARG B 411 -16.62 -1.40 -23.44
N VAL B 412 -15.33 -1.26 -23.13
CA VAL B 412 -14.32 -0.97 -24.14
C VAL B 412 -13.41 -2.17 -24.29
N ASP B 413 -13.21 -2.63 -25.52
CA ASP B 413 -12.11 -3.55 -25.75
C ASP B 413 -10.97 -2.69 -26.27
N PHE B 414 -9.98 -2.47 -25.42
CA PHE B 414 -8.97 -1.46 -25.71
C PHE B 414 -8.08 -1.89 -26.88
N LYS B 415 -7.78 -3.19 -26.99
CA LYS B 415 -6.99 -3.67 -28.12
C LYS B 415 -7.72 -3.45 -29.45
N GLN B 416 -8.99 -3.86 -29.54
CA GLN B 416 -9.73 -3.73 -30.79
C GLN B 416 -10.40 -2.38 -30.97
N LYS B 417 -10.35 -1.50 -29.97
CA LYS B 417 -10.96 -0.17 -30.04
C LYS B 417 -12.47 -0.29 -30.30
N LEU B 418 -13.12 -1.16 -29.53
CA LEU B 418 -14.50 -1.55 -29.72
C LEU B 418 -15.33 -1.11 -28.52
N PHE B 419 -16.51 -0.55 -28.78
CA PHE B 419 -17.45 -0.10 -27.75
C PHE B 419 -18.66 -1.02 -27.76
N THR B 420 -19.02 -1.58 -26.61
CA THR B 420 -20.17 -2.48 -26.51
C THR B 420 -21.00 -2.12 -25.29
N PRO B 421 -22.17 -1.50 -25.45
CA PRO B 421 -23.00 -1.16 -24.28
C PRO B 421 -23.35 -2.37 -23.40
N ARG B 422 -23.28 -2.16 -22.09
CA ARG B 422 -23.75 -3.15 -21.12
C ARG B 422 -25.24 -2.95 -20.90
N PRO B 423 -25.94 -3.93 -20.30
CA PRO B 423 -27.40 -3.76 -20.15
C PRO B 423 -27.81 -2.55 -19.31
N SER B 424 -26.99 -2.15 -18.33
CA SER B 424 -27.26 -0.94 -17.54
C SER B 424 -27.36 0.30 -18.44
N TYR B 425 -26.67 0.30 -19.58
CA TYR B 425 -26.82 1.38 -20.54
C TYR B 425 -28.26 1.48 -21.05
N TYR B 426 -28.84 0.33 -21.42
CA TYR B 426 -30.23 0.38 -21.92
C TYR B 426 -31.20 0.71 -20.80
N LEU B 427 -30.93 0.26 -19.58
CA LEU B 427 -31.78 0.62 -18.46
C LEU B 427 -31.76 2.13 -18.22
N PHE B 428 -30.56 2.75 -18.29
CA PHE B 428 -30.44 4.19 -18.14
C PHE B 428 -31.30 4.92 -19.16
N GLY B 429 -31.27 4.45 -20.42
CA GLY B 429 -32.11 5.04 -21.46
C GLY B 429 -33.59 4.96 -21.15
N GLN B 430 -34.03 3.82 -20.59
CA GLN B 430 -35.43 3.67 -20.25
C GLN B 430 -35.83 4.62 -19.12
N ILE B 431 -34.96 4.79 -18.12
CA ILE B 431 -35.24 5.71 -17.02
C ILE B 431 -35.31 7.16 -17.53
N ILE B 432 -34.35 7.55 -18.38
CA ILE B 432 -34.39 8.89 -18.98
C ILE B 432 -35.69 9.09 -19.76
N ASN B 433 -36.09 8.07 -20.53
CA ASN B 433 -37.28 8.25 -21.35
C ASN B 433 -38.53 8.36 -20.49
N SER B 434 -38.57 7.62 -19.37
CA SER B 434 -39.69 7.69 -18.44
C SER B 434 -39.69 8.98 -17.62
N ARG B 435 -38.51 9.57 -17.39
CA ARG B 435 -38.34 10.75 -16.55
C ARG B 435 -38.74 10.48 -15.09
N THR B 436 -38.63 9.23 -14.65
CA THR B 436 -38.89 8.87 -13.27
C THR B 436 -38.41 7.44 -13.05
N THR B 437 -37.99 7.14 -11.82
CA THR B 437 -37.62 5.78 -11.45
C THR B 437 -38.82 4.93 -11.04
N GLU B 438 -39.99 5.55 -10.89
CA GLU B 438 -41.12 4.84 -10.28
C GLU B 438 -41.47 3.54 -11.01
N PRO B 439 -41.51 3.46 -12.36
CA PRO B 439 -41.83 2.18 -13.02
C PRO B 439 -40.77 1.10 -12.87
N PHE B 440 -39.63 1.41 -12.25
CA PHE B 440 -38.52 0.44 -12.17
C PHE B 440 -38.23 -0.02 -10.76
N LEU B 441 -38.87 0.59 -9.76
CA LEU B 441 -38.45 0.41 -8.37
C LEU B 441 -38.56 -1.04 -7.91
N ASN B 442 -39.48 -1.83 -8.48
CA ASN B 442 -39.64 -3.19 -7.99
C ASN B 442 -38.39 -4.04 -8.23
N LEU B 443 -37.55 -3.66 -9.19
CA LEU B 443 -36.29 -4.36 -9.39
C LEU B 443 -35.44 -4.34 -8.12
N LEU B 444 -35.55 -3.27 -7.33
CA LEU B 444 -34.72 -3.16 -6.12
C LEU B 444 -35.07 -4.21 -5.08
N LYS B 445 -36.28 -4.80 -5.11
CA LYS B 445 -36.61 -5.78 -4.09
C LYS B 445 -35.74 -7.03 -4.18
N ALA B 446 -35.19 -7.34 -5.36
CA ALA B 446 -34.31 -8.50 -5.49
C ALA B 446 -33.06 -8.37 -4.63
N TRP B 447 -32.67 -7.15 -4.29
CA TRP B 447 -31.51 -6.90 -3.46
C TRP B 447 -31.90 -6.63 -2.01
N GLU B 448 -33.19 -6.71 -1.70
CA GLU B 448 -33.76 -6.48 -0.37
C GLU B 448 -33.57 -5.03 0.05
#